data_6K8O
#
_entry.id   6K8O
#
_cell.length_a   150.731
_cell.length_b   150.731
_cell.length_c   97.032
_cell.angle_alpha   90.00
_cell.angle_beta   90.00
_cell.angle_gamma   90.00
#
_symmetry.space_group_name_H-M   'P 42 21 2'
#
loop_
_entity.id
_entity.type
_entity.pdbx_description
1 polymer 'topoisomerase III'
2 polymer "DNA (5'-D(*GP*CP*AP*AP*GP*GP*TP*C)-3')"
3 non-polymer 'ZINC ION'
4 water water
#
loop_
_entity_poly.entity_id
_entity_poly.type
_entity_poly.pdbx_seq_one_letter_code
_entity_poly.pdbx_strand_id
1 'polypeptide(L)'
;MNLCNVNNYYLIIAEKSKAAKKIAEALSEKPILCRKYNVSYWIIKDHNSSKYVIVPAAGHLFGLKGESGFPVYDADWKPL
WEIDKNSYYTKRYYQLISSLSKYALGFINACDYDIEGSVIGYLIIKNLGDIKKAKRMKFSALTKSDILSAFRNISALDYD
MINAGIARHKIDWLWGINVSRALMISLQDFAKKRVILSAGRVQSPTLVQVVNSEIERNLFIPLPKFTVSIIVKIKDYSLN
IKVNKEFEKITEAKEFLNKLINKTVKVVEVENRVRLLERPSPFNLTDLQIEAGRIYGISPYNVERIAEDLYLDGLISFPR
TNSQKIPSTISIYNIIKGLENSSYRKLVDLVRKITGGKYVVKQGIKDDPAHPAIHPTGEAPKNLPNSKFKIYDLIARRFL
GSVSADAKLSNTIYTLKVSDFPLEFTVSYTKILERNWLDIYHFHNVKEDKPIFLSKGDEGKIVDGKVNISLSKPTSRYTK
VSLLKWMESSNLGTEATRGRIIEILVKRKYLTNNGRYIIPTKLGFYIAEILNKFFPDIVDVRMTADMESKLEMIKTGKVL
ESKVIKENIEKLNKFIEEYKVNKDKVGESLAKALGLIKIVKCKYCDLEQYKDGLCKYHYEAKVRLLDAVEIWKERTKYDH
KKILKRISSSKSTGKYVKDIVTYMLSSE
;
A
2 'polydeoxyribonucleotide' (DG)(DC)(DA)(DA)(DG)(DG)(DT)(DC) B
#
loop_
_chem_comp.id
_chem_comp.type
_chem_comp.name
_chem_comp.formula
DA DNA linking 2'-DEOXYADENOSINE-5'-MONOPHOSPHATE 'C10 H14 N5 O6 P'
DC DNA linking 2'-DEOXYCYTIDINE-5'-MONOPHOSPHATE 'C9 H14 N3 O7 P'
DG DNA linking 2'-DEOXYGUANOSINE-5'-MONOPHOSPHATE 'C10 H14 N5 O7 P'
DT DNA linking THYMIDINE-5'-MONOPHOSPHATE 'C10 H15 N2 O8 P'
ZN non-polymer 'ZINC ION' 'Zn 2'
#
# COMPACT_ATOMS: atom_id res chain seq x y z
N ASN A 2 19.44 44.80 -13.04
CA ASN A 2 18.86 43.85 -12.09
C ASN A 2 19.53 42.47 -12.16
N LEU A 3 19.67 41.84 -10.99
CA LEU A 3 20.38 40.58 -10.89
C LEU A 3 19.71 39.47 -11.70
N CYS A 4 18.37 39.52 -11.84
CA CYS A 4 17.64 38.48 -12.53
C CYS A 4 17.67 38.61 -14.05
N ASN A 5 18.35 39.62 -14.58
CA ASN A 5 18.67 39.61 -16.00
C ASN A 5 19.90 38.72 -16.21
N VAL A 6 19.82 37.84 -17.22
CA VAL A 6 20.89 36.88 -17.45
C VAL A 6 20.79 36.43 -18.90
N ASN A 7 21.94 36.18 -19.52
CA ASN A 7 21.99 35.74 -20.90
C ASN A 7 22.95 34.56 -20.98
N ASN A 8 22.82 33.77 -22.05
CA ASN A 8 23.72 32.67 -22.34
C ASN A 8 24.00 31.84 -21.09
N TYR A 9 22.97 31.12 -20.65
CA TYR A 9 23.00 30.19 -19.53
C TYR A 9 22.46 28.84 -19.99
N TYR A 10 22.77 27.81 -19.22
CA TYR A 10 22.07 26.54 -19.37
C TYR A 10 20.90 26.49 -18.40
N LEU A 11 19.82 25.87 -18.87
CA LEU A 11 18.56 25.78 -18.14
C LEU A 11 18.45 24.40 -17.52
N ILE A 12 18.38 24.36 -16.19
CA ILE A 12 18.27 23.13 -15.41
C ILE A 12 16.82 23.01 -14.95
N ILE A 13 16.15 21.94 -15.33
CA ILE A 13 14.73 21.78 -15.06
C ILE A 13 14.58 20.74 -13.95
N ALA A 14 14.03 21.16 -12.82
CA ALA A 14 13.73 20.21 -11.76
C ALA A 14 12.25 19.82 -11.79
N GLU A 15 11.92 18.78 -11.04
CA GLU A 15 10.54 18.29 -11.05
C GLU A 15 9.63 19.13 -10.17
N LYS A 16 10.18 19.77 -9.14
CA LYS A 16 9.31 20.49 -8.22
C LYS A 16 10.13 21.61 -7.60
N SER A 17 9.41 22.48 -6.90
CA SER A 17 10.00 23.75 -6.51
C SER A 17 11.08 23.54 -5.43
N LYS A 18 10.84 22.62 -4.48
CA LYS A 18 11.86 22.33 -3.46
C LYS A 18 13.10 21.69 -4.06
N ALA A 19 12.92 20.85 -5.08
CA ALA A 19 14.08 20.23 -5.72
C ALA A 19 14.93 21.29 -6.43
N ALA A 20 14.28 22.22 -7.14
CA ALA A 20 14.99 23.31 -7.79
C ALA A 20 15.78 24.15 -6.78
N LYS A 21 15.16 24.49 -5.66
CA LYS A 21 15.84 25.27 -4.64
C LYS A 21 17.06 24.53 -4.11
N LYS A 22 16.91 23.25 -3.82
CA LYS A 22 18.02 22.46 -3.30
C LYS A 22 19.15 22.38 -4.32
N ILE A 23 18.82 22.22 -5.59
CA ILE A 23 19.87 22.21 -6.62
C ILE A 23 20.56 23.57 -6.67
N ALA A 24 19.80 24.65 -6.57
CA ALA A 24 20.40 25.98 -6.62
C ALA A 24 21.32 26.18 -5.41
N GLU A 25 20.90 25.71 -4.24
CA GLU A 25 21.75 25.83 -3.06
C GLU A 25 23.00 24.96 -3.17
N ALA A 26 22.94 23.85 -3.91
CA ALA A 26 24.12 23.01 -4.04
C ALA A 26 25.17 23.66 -4.94
N LEU A 27 24.74 24.34 -6.01
CA LEU A 27 25.66 24.86 -7.03
C LEU A 27 26.23 26.24 -6.71
N SER A 28 25.69 26.95 -5.73
CA SER A 28 26.21 28.27 -5.39
C SER A 28 25.90 28.53 -3.94
N GLU A 29 26.82 29.25 -3.26
CA GLU A 29 26.55 29.61 -1.88
C GLU A 29 25.61 30.80 -1.77
N LYS A 30 25.41 31.54 -2.86
CA LYS A 30 24.51 32.69 -2.90
C LYS A 30 23.74 32.68 -4.21
N PRO A 31 22.91 31.66 -4.45
CA PRO A 31 22.11 31.63 -5.68
C PRO A 31 21.06 32.74 -5.66
N ILE A 32 20.75 33.26 -6.85
CA ILE A 32 19.91 34.45 -6.98
C ILE A 32 18.44 34.03 -7.10
N LEU A 33 17.61 34.48 -6.15
CA LEU A 33 16.18 34.24 -6.22
C LEU A 33 15.49 35.22 -7.15
N CYS A 34 14.69 34.67 -8.06
CA CYS A 34 13.97 35.45 -9.05
C CYS A 34 12.52 34.96 -9.07
N ARG A 35 11.69 35.71 -9.79
CA ARG A 35 10.24 35.50 -9.75
C ARG A 35 9.64 36.04 -11.04
N LYS A 36 8.84 35.20 -11.70
CA LYS A 36 8.17 35.58 -12.94
C LYS A 36 6.99 34.62 -13.09
N TYR A 37 5.87 35.14 -13.60
CA TYR A 37 4.56 34.45 -13.55
C TYR A 37 4.27 33.91 -12.15
N ASN A 38 4.72 34.65 -11.14
CA ASN A 38 4.58 34.30 -9.73
C ASN A 38 5.12 32.89 -9.43
N VAL A 39 6.21 32.53 -10.11
CA VAL A 39 6.96 31.30 -9.84
C VAL A 39 8.39 31.69 -9.47
N SER A 40 8.91 31.07 -8.41
CA SER A 40 10.32 31.23 -8.08
C SER A 40 11.22 30.39 -8.98
N TYR A 41 12.36 30.97 -9.36
CA TYR A 41 13.44 30.26 -10.02
C TYR A 41 14.76 30.89 -9.57
N TRP A 42 15.88 30.25 -9.94
CA TRP A 42 17.20 30.59 -9.38
C TRP A 42 18.22 30.78 -10.50
N ILE A 43 19.07 31.81 -10.37
CA ILE A 43 20.21 32.05 -11.26
C ILE A 43 21.49 31.66 -10.53
N ILE A 44 22.40 31.00 -11.23
CA ILE A 44 23.73 30.66 -10.75
C ILE A 44 24.71 31.38 -11.67
N LYS A 45 25.42 32.38 -11.14
CA LYS A 45 26.39 33.13 -11.93
C LYS A 45 27.84 32.72 -11.69
N ASP A 46 28.10 31.81 -10.76
CA ASP A 46 29.45 31.66 -10.23
C ASP A 46 29.97 30.23 -10.24
N HIS A 47 29.29 29.27 -10.86
CA HIS A 47 29.77 27.88 -10.77
C HIS A 47 30.76 27.61 -11.90
N ASN A 48 32.05 27.82 -11.60
CA ASN A 48 33.16 27.46 -12.48
C ASN A 48 33.05 28.12 -13.86
N SER A 49 32.57 29.38 -13.85
CA SER A 49 32.62 30.27 -15.01
C SER A 49 31.64 29.88 -16.11
N SER A 50 30.52 29.22 -15.73
CA SER A 50 29.35 29.03 -16.59
C SER A 50 28.10 29.51 -15.84
N LYS A 51 27.09 29.94 -16.59
CA LYS A 51 25.85 30.45 -16.02
C LYS A 51 24.72 29.43 -16.14
N TYR A 52 23.95 29.29 -15.07
CA TYR A 52 22.86 28.32 -15.02
C TYR A 52 21.62 28.99 -14.45
N VAL A 53 20.47 28.63 -15.03
CA VAL A 53 19.16 28.98 -14.47
C VAL A 53 18.48 27.68 -14.07
N ILE A 54 17.94 27.63 -12.86
CA ILE A 54 17.27 26.45 -12.35
C ILE A 54 15.80 26.78 -12.18
N VAL A 55 14.95 26.01 -12.85
CA VAL A 55 13.53 26.33 -12.91
C VAL A 55 12.76 25.06 -12.55
N PRO A 56 11.73 25.16 -11.71
CA PRO A 56 10.92 23.98 -11.38
C PRO A 56 9.78 23.78 -12.35
N ALA A 57 9.51 22.50 -12.65
CA ALA A 57 8.22 22.14 -13.24
C ALA A 57 7.24 21.99 -12.08
N ALA A 58 6.12 21.32 -12.31
CA ALA A 58 5.22 21.10 -11.18
C ALA A 58 4.57 19.75 -11.42
N GLY A 59 5.38 18.70 -11.34
CA GLY A 59 4.91 17.46 -11.89
C GLY A 59 4.83 17.60 -13.40
N HIS A 60 4.05 16.70 -13.99
CA HIS A 60 3.79 16.77 -15.43
C HIS A 60 3.27 18.13 -15.84
N LEU A 61 3.78 18.64 -16.96
CA LEU A 61 3.18 19.78 -17.65
C LEU A 61 2.51 19.36 -18.96
N PHE A 62 2.68 18.11 -19.38
CA PHE A 62 2.13 17.57 -20.63
C PHE A 62 1.40 16.26 -20.36
N GLY A 63 0.36 16.01 -21.14
CA GLY A 63 -0.40 14.79 -21.01
C GLY A 63 -0.96 14.35 -22.35
N LEU A 64 -1.35 13.08 -22.43
CA LEU A 64 -1.93 12.55 -23.66
C LEU A 64 -3.36 13.07 -23.86
N LYS A 65 -3.72 13.34 -25.12
CA LYS A 65 -5.06 13.78 -25.47
C LYS A 65 -5.46 13.13 -26.78
N GLY A 66 -6.65 12.53 -26.80
CA GLY A 66 -7.13 11.86 -27.98
C GLY A 66 -8.45 12.46 -28.45
N GLU A 67 -8.93 11.93 -29.58
CA GLU A 67 -10.25 12.30 -30.09
C GLU A 67 -11.35 11.77 -29.17
N SER A 68 -12.55 12.34 -29.32
CA SER A 68 -13.73 11.77 -28.66
C SER A 68 -14.24 10.57 -29.44
N GLY A 69 -15.06 9.76 -28.79
CA GLY A 69 -15.65 8.62 -29.48
C GLY A 69 -14.90 7.30 -29.29
N PHE A 70 -15.29 6.32 -30.11
CA PHE A 70 -15.02 4.93 -29.78
C PHE A 70 -14.85 4.03 -31.00
N PRO A 71 -13.80 3.19 -31.02
CA PRO A 71 -12.67 3.28 -30.10
C PRO A 71 -11.57 4.21 -30.63
N VAL A 72 -10.70 4.70 -29.74
CA VAL A 72 -9.64 5.65 -30.10
C VAL A 72 -8.29 5.00 -29.77
N TYR A 73 -7.45 4.81 -30.79
CA TYR A 73 -6.17 4.13 -30.64
C TYR A 73 -4.98 5.06 -30.86
N ASP A 74 -5.19 6.37 -30.77
CA ASP A 74 -4.10 7.32 -30.88
C ASP A 74 -4.40 8.55 -30.05
N ALA A 75 -3.35 9.09 -29.43
CA ALA A 75 -3.45 10.29 -28.65
C ALA A 75 -2.14 11.06 -28.81
N ASP A 76 -2.21 12.35 -28.46
CA ASP A 76 -1.11 13.29 -28.64
C ASP A 76 -0.76 13.93 -27.31
N TRP A 77 0.51 14.27 -27.14
CA TRP A 77 0.90 15.04 -25.96
C TRP A 77 0.49 16.50 -26.15
N LYS A 78 -0.14 17.06 -25.12
CA LYS A 78 -0.60 18.45 -25.16
C LYS A 78 -0.36 19.07 -23.81
N PRO A 79 -0.24 20.40 -23.74
CA PRO A 79 -0.21 21.08 -22.45
C PRO A 79 -1.39 20.66 -21.57
N LEU A 80 -1.09 20.33 -20.32
CA LEU A 80 -2.13 19.90 -19.39
C LEU A 80 -3.17 20.99 -19.15
N TRP A 81 -2.74 22.26 -19.08
CA TRP A 81 -3.68 23.34 -18.83
C TRP A 81 -4.59 23.58 -20.02
N GLU A 82 -4.17 23.15 -21.21
CA GLU A 82 -5.00 23.26 -22.40
C GLU A 82 -6.07 22.20 -22.49
N ILE A 83 -6.18 21.29 -21.51
CA ILE A 83 -7.12 20.19 -21.62
C ILE A 83 -7.77 19.88 -20.27
N ASP A 84 -7.04 20.10 -19.17
CA ASP A 84 -7.47 19.73 -17.82
C ASP A 84 -7.49 20.97 -16.93
N LYS A 85 -8.70 21.37 -16.51
CA LYS A 85 -8.88 22.54 -15.65
C LYS A 85 -8.57 22.26 -14.18
N ASN A 86 -8.43 20.99 -13.80
CA ASN A 86 -7.79 20.68 -12.52
C ASN A 86 -6.36 21.20 -12.51
N SER A 87 -5.53 20.74 -13.45
CA SER A 87 -4.12 21.09 -13.53
C SER A 87 -3.89 22.40 -14.28
N TYR A 88 -4.87 23.33 -14.22
CA TYR A 88 -4.60 24.71 -14.61
C TYR A 88 -3.45 25.31 -13.82
N TYR A 89 -3.17 24.74 -12.65
CA TYR A 89 -2.10 25.19 -11.79
C TYR A 89 -0.79 25.15 -12.62
N THR A 90 -0.66 24.27 -13.62
CA THR A 90 0.63 24.12 -14.28
C THR A 90 0.92 25.21 -15.30
N LYS A 91 -0.07 26.01 -15.70
CA LYS A 91 0.16 26.95 -16.79
C LYS A 91 1.29 27.94 -16.48
N ARG A 92 1.34 28.45 -15.25
CA ARG A 92 2.33 29.48 -14.96
C ARG A 92 3.73 28.90 -14.99
N TYR A 93 3.87 27.62 -14.60
CA TYR A 93 5.14 26.92 -14.77
C TYR A 93 5.48 26.76 -16.24
N TYR A 94 4.48 26.37 -17.03
CA TYR A 94 4.66 26.25 -18.48
C TYR A 94 5.15 27.57 -19.06
N GLN A 95 4.55 28.68 -18.64
CA GLN A 95 4.92 29.97 -19.18
C GLN A 95 6.32 30.38 -18.76
N LEU A 96 6.65 30.21 -17.47
CA LEU A 96 7.99 30.49 -17.00
C LEU A 96 9.04 29.71 -17.79
N ILE A 97 8.87 28.39 -17.90
CA ILE A 97 9.89 27.59 -18.58
C ILE A 97 9.96 27.98 -20.04
N SER A 98 8.81 28.22 -20.65
CA SER A 98 8.82 28.64 -22.04
C SER A 98 9.62 29.94 -22.22
N SER A 99 9.41 30.91 -21.33
CA SER A 99 10.16 32.17 -21.40
C SER A 99 11.66 31.93 -21.24
N LEU A 100 12.07 31.20 -20.18
CA LEU A 100 13.48 30.98 -19.90
C LEU A 100 14.19 30.18 -20.99
N SER A 101 13.47 29.26 -21.67
CA SER A 101 14.09 28.46 -22.71
C SER A 101 14.56 29.29 -23.89
N LYS A 102 14.02 30.49 -24.07
CA LYS A 102 14.29 31.27 -25.27
C LYS A 102 15.76 31.68 -25.35
N TYR A 103 16.38 32.03 -24.22
CA TYR A 103 17.77 32.47 -24.19
C TYR A 103 18.74 31.39 -23.76
N ALA A 104 18.29 30.16 -23.52
CA ALA A 104 19.15 29.14 -22.95
C ALA A 104 19.98 28.45 -24.03
N LEU A 105 21.26 28.23 -23.70
CA LEU A 105 22.24 27.57 -24.56
C LEU A 105 22.10 26.06 -24.61
N GLY A 106 21.45 25.46 -23.60
CA GLY A 106 21.32 24.01 -23.50
C GLY A 106 20.38 23.70 -22.35
N PHE A 107 19.98 22.43 -22.29
CA PHE A 107 18.96 22.02 -21.32
C PHE A 107 19.43 20.76 -20.61
N ILE A 108 19.13 20.70 -19.31
CA ILE A 108 19.50 19.58 -18.46
C ILE A 108 18.23 19.14 -17.71
N ASN A 109 17.81 17.90 -17.92
CA ASN A 109 16.70 17.32 -17.18
C ASN A 109 17.21 16.86 -15.82
N ALA A 110 16.88 17.63 -14.77
CA ALA A 110 17.19 17.30 -13.38
C ALA A 110 15.94 16.88 -12.61
N CYS A 111 14.95 16.32 -13.29
CA CYS A 111 13.80 15.73 -12.62
C CYS A 111 14.20 14.44 -11.92
N ASP A 112 13.28 13.91 -11.11
CA ASP A 112 13.61 12.75 -10.29
C ASP A 112 14.09 11.58 -11.15
N TYR A 113 14.94 10.75 -10.55
CA TYR A 113 15.59 9.64 -11.28
C TYR A 113 14.66 8.43 -11.34
N ASP A 114 13.51 8.63 -12.00
CA ASP A 114 12.64 7.50 -12.30
C ASP A 114 12.00 7.71 -13.68
N ILE A 115 11.23 6.72 -14.07
CA ILE A 115 10.59 6.70 -15.39
C ILE A 115 9.75 7.97 -15.59
N GLU A 116 9.03 8.39 -14.56
CA GLU A 116 8.14 9.54 -14.76
C GLU A 116 8.94 10.83 -14.83
N GLY A 117 10.02 10.93 -14.06
CA GLY A 117 10.86 12.12 -14.13
C GLY A 117 11.52 12.25 -15.49
N SER A 118 11.92 11.13 -16.08
CA SER A 118 12.51 11.19 -17.41
C SER A 118 11.53 11.74 -18.42
N VAL A 119 10.27 11.32 -18.33
CA VAL A 119 9.23 11.78 -19.24
C VAL A 119 8.94 13.26 -19.01
N ILE A 120 8.71 13.64 -17.74
CA ILE A 120 8.39 15.04 -17.46
C ILE A 120 9.44 15.96 -18.08
N GLY A 121 10.71 15.69 -17.78
CA GLY A 121 11.75 16.58 -18.28
C GLY A 121 11.87 16.51 -19.78
N TYR A 122 11.75 15.30 -20.34
CA TYR A 122 11.82 15.14 -21.79
C TYR A 122 10.77 15.99 -22.49
N LEU A 123 9.50 15.81 -22.13
CA LEU A 123 8.45 16.50 -22.85
C LEU A 123 8.58 18.00 -22.71
N ILE A 124 9.02 18.47 -21.55
CA ILE A 124 9.23 19.90 -21.36
C ILE A 124 10.32 20.41 -22.29
N ILE A 125 11.49 19.77 -22.26
CA ILE A 125 12.58 20.19 -23.14
C ILE A 125 12.17 20.04 -24.59
N LYS A 126 11.60 18.89 -24.93
CA LYS A 126 11.13 18.63 -26.30
C LYS A 126 10.20 19.74 -26.78
N ASN A 127 9.17 20.05 -26.00
CA ASN A 127 8.14 20.94 -26.51
C ASN A 127 8.47 22.41 -26.29
N LEU A 128 9.22 22.75 -25.24
CA LEU A 128 9.52 24.14 -24.96
C LEU A 128 10.98 24.51 -25.23
N GLY A 129 11.86 23.54 -25.41
CA GLY A 129 13.27 23.82 -25.58
C GLY A 129 13.80 23.20 -26.86
N ASP A 130 15.07 22.80 -26.80
CA ASP A 130 15.75 22.19 -27.92
C ASP A 130 16.26 20.82 -27.47
N ILE A 131 15.61 19.75 -27.93
CA ILE A 131 15.97 18.43 -27.44
C ILE A 131 17.32 17.98 -27.97
N LYS A 132 17.81 18.61 -29.04
CA LYS A 132 19.17 18.31 -29.53
C LYS A 132 20.24 18.83 -28.58
N LYS A 133 19.94 19.85 -27.79
CA LYS A 133 20.89 20.37 -26.81
C LYS A 133 20.47 19.99 -25.39
N ALA A 134 20.17 18.71 -25.17
CA ALA A 134 19.64 18.23 -23.89
C ALA A 134 20.55 17.19 -23.23
N LYS A 135 20.65 17.26 -21.90
CA LYS A 135 21.39 16.26 -21.12
C LYS A 135 20.59 15.91 -19.86
N ARG A 136 21.06 14.88 -19.14
CA ARG A 136 20.37 14.34 -17.98
C ARG A 136 21.21 14.44 -16.70
N MET A 137 20.58 14.82 -15.59
CA MET A 137 21.20 14.73 -14.27
C MET A 137 20.54 13.59 -13.51
N LYS A 138 21.35 12.68 -12.95
CA LYS A 138 20.87 11.46 -12.27
C LYS A 138 21.28 11.46 -10.81
N PHE A 139 20.36 11.76 -9.90
CA PHE A 139 20.64 11.69 -8.47
C PHE A 139 19.53 10.94 -7.74
N SER A 140 19.93 10.10 -6.80
CA SER A 140 18.99 9.26 -6.06
C SER A 140 18.66 9.82 -4.68
N ALA A 141 19.20 10.98 -4.33
CA ALA A 141 18.84 11.67 -3.10
C ALA A 141 19.08 13.14 -3.34
N LEU A 142 18.56 13.99 -2.48
CA LEU A 142 18.63 15.43 -2.68
C LEU A 142 19.58 16.11 -1.76
N THR A 143 20.78 15.61 -1.73
CA THR A 143 21.86 16.19 -0.95
C THR A 143 22.81 16.95 -1.87
N LYS A 144 23.57 17.87 -1.29
CA LYS A 144 24.58 18.57 -2.09
C LYS A 144 25.52 17.59 -2.74
N SER A 145 25.98 16.60 -1.98
CA SER A 145 26.90 15.61 -2.51
C SER A 145 26.30 14.87 -3.72
N ASP A 146 25.06 14.37 -3.57
CA ASP A 146 24.40 13.69 -4.68
C ASP A 146 24.17 14.60 -5.87
N ILE A 147 23.79 15.87 -5.62
CA ILE A 147 23.49 16.78 -6.73
C ILE A 147 24.77 17.18 -7.47
N LEU A 148 25.81 17.57 -6.71
CA LEU A 148 27.07 18.02 -7.32
C LEU A 148 27.76 16.86 -8.03
N SER A 149 27.64 15.64 -7.49
CA SER A 149 28.10 14.46 -8.20
C SER A 149 27.30 14.20 -9.48
N ALA A 150 25.97 14.35 -9.42
CA ALA A 150 25.18 14.21 -10.63
C ALA A 150 25.53 15.27 -11.65
N PHE A 151 25.72 16.51 -11.19
CA PHE A 151 26.12 17.60 -12.06
C PHE A 151 27.46 17.34 -12.74
N ARG A 152 28.44 16.83 -11.98
CA ARG A 152 29.72 16.50 -12.59
C ARG A 152 29.60 15.38 -13.60
N ASN A 153 28.64 14.48 -13.43
CA ASN A 153 28.53 13.28 -14.27
C ASN A 153 27.34 13.36 -15.24
N ILE A 154 26.98 14.58 -15.64
CA ILE A 154 25.90 14.79 -16.60
C ILE A 154 26.12 13.94 -17.84
N SER A 155 25.07 13.24 -18.28
CA SER A 155 25.14 12.34 -19.42
C SER A 155 24.04 12.69 -20.43
N ALA A 156 24.01 11.94 -21.53
CA ALA A 156 22.98 12.12 -22.54
C ALA A 156 21.66 11.51 -22.07
N LEU A 157 20.55 11.97 -22.67
CA LEU A 157 19.23 11.48 -22.29
C LEU A 157 19.15 9.97 -22.46
N ASP A 158 18.50 9.30 -21.51
CA ASP A 158 18.23 7.87 -21.70
C ASP A 158 16.88 7.75 -22.37
N TYR A 159 16.90 7.62 -23.71
CA TYR A 159 15.67 7.47 -24.47
C TYR A 159 14.93 6.17 -24.14
N ASP A 160 15.68 5.10 -23.82
CA ASP A 160 15.03 3.87 -23.36
C ASP A 160 14.20 4.13 -22.11
N MET A 161 14.73 4.90 -21.15
CA MET A 161 13.93 5.23 -19.98
C MET A 161 12.76 6.14 -20.36
N ILE A 162 12.98 7.11 -21.25
CA ILE A 162 11.90 7.99 -21.68
C ILE A 162 10.80 7.19 -22.37
N ASN A 163 11.18 6.28 -23.27
CA ASN A 163 10.19 5.54 -24.04
C ASN A 163 9.39 4.57 -23.19
N ALA A 164 10.02 3.98 -22.16
CA ALA A 164 9.26 3.19 -21.19
C ALA A 164 8.23 4.06 -20.50
N GLY A 165 8.63 5.26 -20.08
CA GLY A 165 7.68 6.15 -19.44
C GLY A 165 6.52 6.53 -20.34
N ILE A 166 6.81 6.90 -21.59
CA ILE A 166 5.78 7.17 -22.57
C ILE A 166 4.90 5.95 -22.80
N ALA A 167 5.51 4.75 -22.91
CA ALA A 167 4.68 3.57 -23.13
C ALA A 167 3.68 3.38 -22.01
N ARG A 168 4.12 3.57 -20.76
CA ARG A 168 3.23 3.45 -19.61
C ARG A 168 2.03 4.37 -19.77
N HIS A 169 2.28 5.62 -20.17
CA HIS A 169 1.18 6.55 -20.37
C HIS A 169 0.24 6.04 -21.46
N LYS A 170 0.79 5.62 -22.62
CA LYS A 170 -0.07 5.16 -23.71
C LYS A 170 -0.95 4.00 -23.25
N ILE A 171 -0.32 2.93 -22.75
CA ILE A 171 -1.06 1.75 -22.27
C ILE A 171 -2.19 2.16 -21.33
N ASP A 172 -1.90 3.02 -20.36
CA ASP A 172 -2.94 3.39 -19.39
C ASP A 172 -4.00 4.24 -20.03
N TRP A 173 -3.63 5.09 -20.98
CA TRP A 173 -4.61 5.88 -21.71
C TRP A 173 -5.52 4.99 -22.55
N LEU A 174 -4.92 4.13 -23.39
CA LEU A 174 -5.68 3.17 -24.20
C LEU A 174 -6.75 2.45 -23.38
N TRP A 175 -6.33 1.70 -22.36
CA TRP A 175 -7.27 0.86 -21.61
C TRP A 175 -8.20 1.70 -20.76
N GLY A 176 -7.65 2.71 -20.09
CA GLY A 176 -8.49 3.53 -19.23
C GLY A 176 -9.58 4.25 -19.99
N ILE A 177 -9.23 4.86 -21.12
CA ILE A 177 -10.19 5.70 -21.82
C ILE A 177 -11.19 4.86 -22.60
N ASN A 178 -10.69 3.94 -23.43
CA ASN A 178 -11.57 3.09 -24.21
C ASN A 178 -12.55 2.34 -23.30
N VAL A 179 -12.01 1.51 -22.40
CA VAL A 179 -12.88 0.66 -21.57
C VAL A 179 -13.83 1.49 -20.74
N SER A 180 -13.40 2.67 -20.26
CA SER A 180 -14.33 3.52 -19.52
C SER A 180 -15.41 4.06 -20.44
N ARG A 181 -15.05 4.33 -21.70
CA ARG A 181 -16.04 4.79 -22.67
C ARG A 181 -16.97 3.67 -23.08
N ALA A 182 -16.42 2.48 -23.35
CA ALA A 182 -17.26 1.31 -23.64
C ALA A 182 -18.32 1.10 -22.58
N LEU A 183 -17.98 1.34 -21.31
CA LEU A 183 -18.98 1.26 -20.26
C LEU A 183 -20.04 2.34 -20.42
N MET A 184 -19.62 3.59 -20.61
CA MET A 184 -20.57 4.70 -20.69
C MET A 184 -21.37 4.66 -21.98
N ILE A 185 -20.75 4.23 -23.09
CA ILE A 185 -21.43 4.23 -24.39
C ILE A 185 -22.46 3.12 -24.46
N SER A 186 -22.14 1.93 -23.94
CA SER A 186 -23.11 0.84 -23.91
C SER A 186 -24.36 1.24 -23.13
N LEU A 187 -24.19 1.84 -21.96
CA LEU A 187 -25.35 2.27 -21.19
C LEU A 187 -26.13 3.35 -21.93
N GLN A 188 -25.41 4.26 -22.59
CA GLN A 188 -26.04 5.37 -23.30
C GLN A 188 -26.93 4.87 -24.44
N ASP A 189 -26.47 3.87 -25.18
CA ASP A 189 -27.25 3.39 -26.33
C ASP A 189 -28.44 2.55 -25.87
N PHE A 190 -28.35 1.91 -24.71
CA PHE A 190 -29.40 1.04 -24.20
C PHE A 190 -30.42 1.85 -23.36
N ALA A 191 -29.94 2.54 -22.33
CA ALA A 191 -30.81 3.22 -21.39
C ALA A 191 -31.03 4.69 -21.72
N LYS A 192 -30.33 5.21 -22.74
CA LYS A 192 -30.33 6.64 -23.09
C LYS A 192 -29.97 7.50 -21.88
N LYS A 193 -29.04 6.99 -21.06
CA LYS A 193 -28.56 7.70 -19.88
C LYS A 193 -27.06 7.87 -19.96
N ARG A 194 -26.57 9.02 -19.47
CA ARG A 194 -25.17 9.41 -19.55
C ARG A 194 -24.62 9.54 -18.13
N VAL A 195 -23.98 8.47 -17.64
CA VAL A 195 -23.38 8.47 -16.32
C VAL A 195 -21.90 8.17 -16.44
N ILE A 196 -21.14 8.66 -15.46
CA ILE A 196 -19.68 8.55 -15.48
C ILE A 196 -19.27 7.19 -14.90
N LEU A 197 -18.64 6.37 -15.74
CA LEU A 197 -18.15 5.05 -15.35
C LEU A 197 -16.69 4.93 -15.75
N SER A 198 -15.90 4.24 -14.94
CA SER A 198 -14.49 4.12 -15.24
C SER A 198 -13.99 2.70 -15.01
N ALA A 199 -12.94 2.39 -15.73
CA ALA A 199 -12.15 1.20 -15.49
C ALA A 199 -10.69 1.56 -15.76
N GLY A 200 -9.79 0.73 -15.24
CA GLY A 200 -8.38 1.02 -15.36
C GLY A 200 -7.49 -0.08 -14.81
N ARG A 201 -6.23 -0.07 -15.28
CA ARG A 201 -5.27 -1.10 -14.93
C ARG A 201 -5.10 -1.25 -13.42
N VAL A 202 -5.28 -0.18 -12.65
CA VAL A 202 -5.06 -0.22 -11.22
C VAL A 202 -6.37 -0.26 -10.45
N GLN A 203 -7.30 0.63 -10.78
CA GLN A 203 -8.52 0.76 -9.98
C GLN A 203 -9.39 -0.49 -10.06
N SER A 204 -9.35 -1.21 -11.18
CA SER A 204 -10.29 -2.28 -11.46
C SER A 204 -9.86 -3.59 -10.78
N PRO A 205 -8.59 -4.01 -10.86
CA PRO A 205 -8.17 -5.12 -10.01
C PRO A 205 -8.40 -4.84 -8.54
N THR A 206 -8.43 -3.58 -8.16
CA THR A 206 -8.66 -3.21 -6.78
C THR A 206 -10.13 -3.35 -6.41
N LEU A 207 -11.03 -2.88 -7.30
CA LEU A 207 -12.46 -3.10 -7.08
C LEU A 207 -12.78 -4.58 -7.00
N VAL A 208 -12.27 -5.37 -7.94
CA VAL A 208 -12.64 -6.78 -7.98
C VAL A 208 -12.14 -7.52 -6.75
N GLN A 209 -11.00 -7.11 -6.19
CA GLN A 209 -10.51 -7.70 -4.96
C GLN A 209 -11.50 -7.49 -3.83
N VAL A 210 -12.00 -6.26 -3.68
CA VAL A 210 -12.96 -5.99 -2.61
C VAL A 210 -14.25 -6.75 -2.86
N VAL A 211 -14.69 -6.82 -4.12
CA VAL A 211 -15.92 -7.53 -4.44
C VAL A 211 -15.78 -9.03 -4.20
N ASN A 212 -14.72 -9.65 -4.73
CA ASN A 212 -14.57 -11.10 -4.55
C ASN A 212 -14.44 -11.47 -3.09
N SER A 213 -13.65 -10.72 -2.32
CA SER A 213 -13.51 -11.00 -0.90
C SER A 213 -14.84 -10.83 -0.17
N GLU A 214 -15.61 -9.83 -0.56
CA GLU A 214 -16.90 -9.61 0.08
C GLU A 214 -17.88 -10.74 -0.24
N ILE A 215 -17.78 -11.30 -1.44
CA ILE A 215 -18.64 -12.41 -1.80
C ILE A 215 -18.29 -13.64 -0.96
N GLU A 216 -17.03 -14.08 -1.00
CA GLU A 216 -16.64 -15.27 -0.24
C GLU A 216 -16.93 -15.09 1.24
N ARG A 217 -16.79 -13.87 1.75
CA ARG A 217 -17.05 -13.62 3.16
C ARG A 217 -18.53 -13.76 3.49
N ASN A 218 -19.42 -13.22 2.65
CA ASN A 218 -20.84 -13.26 2.95
C ASN A 218 -21.44 -14.64 2.78
N LEU A 219 -20.74 -15.55 2.12
CA LEU A 219 -21.13 -16.95 1.96
C LEU A 219 -20.43 -17.88 2.95
N PHE A 220 -19.65 -17.37 3.89
CA PHE A 220 -18.77 -18.24 4.68
C PHE A 220 -19.51 -18.92 5.82
N ILE A 221 -19.32 -20.22 5.97
CA ILE A 221 -19.79 -20.96 7.14
C ILE A 221 -18.57 -21.47 7.90
N PRO A 222 -18.41 -21.14 9.18
CA PRO A 222 -17.34 -21.76 9.97
C PRO A 222 -17.59 -23.25 10.13
N LEU A 223 -16.54 -24.05 9.89
CA LEU A 223 -16.42 -25.45 10.20
C LEU A 223 -15.70 -25.66 11.54
N PRO A 224 -16.10 -26.69 12.27
CA PRO A 224 -15.53 -26.92 13.61
C PRO A 224 -14.33 -27.83 13.64
N LYS A 225 -13.37 -27.45 14.48
CA LYS A 225 -12.26 -28.32 14.85
C LYS A 225 -12.10 -28.31 16.36
N PHE A 226 -11.37 -29.28 16.88
CA PHE A 226 -11.24 -29.47 18.32
C PHE A 226 -9.77 -29.57 18.73
N THR A 227 -9.41 -28.83 19.79
CA THR A 227 -8.10 -28.91 20.41
C THR A 227 -8.27 -29.25 21.89
N VAL A 228 -7.18 -29.69 22.51
CA VAL A 228 -7.21 -30.16 23.89
C VAL A 228 -6.30 -29.27 24.72
N SER A 229 -6.83 -28.77 25.82
CA SER A 229 -6.01 -28.09 26.81
C SER A 229 -5.98 -28.91 28.11
N ILE A 230 -4.89 -28.78 28.86
CA ILE A 230 -4.70 -29.52 30.10
C ILE A 230 -4.36 -28.56 31.23
N ILE A 231 -4.71 -28.95 32.45
CA ILE A 231 -4.28 -28.28 33.67
C ILE A 231 -3.14 -29.08 34.27
N VAL A 232 -2.00 -28.45 34.47
CA VAL A 232 -0.80 -29.07 35.04
C VAL A 232 -0.57 -28.48 36.42
N LYS A 233 -0.64 -29.33 37.45
CA LYS A 233 -0.24 -28.93 38.80
C LYS A 233 1.20 -29.37 38.99
N ILE A 234 2.09 -28.38 39.16
CA ILE A 234 3.49 -28.66 39.42
C ILE A 234 3.98 -27.69 40.49
N LYS A 235 4.36 -28.23 41.66
CA LYS A 235 4.78 -27.44 42.81
C LYS A 235 3.66 -26.45 43.14
N ASP A 236 4.00 -25.18 43.36
CA ASP A 236 3.01 -24.16 43.73
C ASP A 236 2.22 -23.68 42.50
N TYR A 237 2.56 -24.19 41.32
CA TYR A 237 2.02 -23.67 40.06
C TYR A 237 0.91 -24.50 39.44
N SER A 238 -0.05 -23.81 38.82
CA SER A 238 -1.11 -24.44 38.05
C SER A 238 -0.99 -23.90 36.62
N LEU A 239 -0.54 -24.73 35.71
CA LEU A 239 -0.30 -24.33 34.32
C LEU A 239 -1.46 -24.79 33.43
N ASN A 240 -2.01 -23.87 32.66
CA ASN A 240 -3.02 -24.20 31.67
C ASN A 240 -2.32 -24.25 30.31
N ILE A 241 -2.33 -25.41 29.67
CA ILE A 241 -1.52 -25.64 28.48
C ILE A 241 -2.42 -26.08 27.33
N LYS A 242 -2.32 -25.37 26.22
CA LYS A 242 -3.03 -25.74 25.00
C LYS A 242 -2.13 -26.65 24.18
N VAL A 243 -2.54 -27.89 24.00
CA VAL A 243 -1.69 -28.84 23.31
C VAL A 243 -1.74 -28.58 21.80
N ASN A 244 -0.56 -28.60 21.18
CA ASN A 244 -0.40 -28.31 19.76
C ASN A 244 -0.79 -29.56 18.94
N LYS A 245 -2.09 -29.85 18.98
CA LYS A 245 -2.63 -30.94 18.18
C LYS A 245 -4.11 -30.68 17.96
N GLU A 246 -4.56 -30.84 16.71
CA GLU A 246 -5.95 -30.56 16.37
C GLU A 246 -6.63 -31.80 15.80
N PHE A 247 -7.94 -31.81 15.95
CA PHE A 247 -8.78 -32.96 15.66
C PHE A 247 -10.03 -32.47 14.93
N GLU A 248 -10.41 -33.19 13.88
CA GLU A 248 -11.69 -32.84 13.24
C GLU A 248 -12.85 -33.42 14.02
N LYS A 249 -12.72 -34.65 14.51
CA LYS A 249 -13.81 -35.33 15.21
C LYS A 249 -13.67 -35.13 16.70
N ILE A 250 -14.77 -34.70 17.35
CA ILE A 250 -14.74 -34.45 18.78
C ILE A 250 -14.41 -35.72 19.55
N THR A 251 -14.76 -36.89 18.99
CA THR A 251 -14.55 -38.11 19.76
C THR A 251 -13.06 -38.42 19.90
N GLU A 252 -12.27 -38.14 18.86
CA GLU A 252 -10.83 -38.42 18.96
C GLU A 252 -10.13 -37.37 19.83
N ALA A 253 -10.69 -36.15 19.90
CA ALA A 253 -10.22 -35.18 20.89
C ALA A 253 -10.52 -35.64 22.31
N LYS A 254 -11.69 -36.23 22.52
CA LYS A 254 -12.03 -36.72 23.86
C LYS A 254 -11.13 -37.90 24.26
N GLU A 255 -10.81 -38.78 23.32
CA GLU A 255 -9.89 -39.88 23.62
C GLU A 255 -8.48 -39.36 23.93
N PHE A 256 -8.05 -38.32 23.21
CA PHE A 256 -6.73 -37.74 23.47
C PHE A 256 -6.66 -37.17 24.87
N LEU A 257 -7.64 -36.33 25.24
CA LEU A 257 -7.71 -35.78 26.59
C LEU A 257 -7.77 -36.89 27.63
N ASN A 258 -8.60 -37.92 27.39
CA ASN A 258 -8.68 -39.05 28.30
C ASN A 258 -7.29 -39.66 28.53
N LYS A 259 -6.47 -39.76 27.49
CA LYS A 259 -5.15 -40.37 27.65
C LYS A 259 -4.13 -39.48 28.36
N LEU A 260 -4.35 -38.17 28.40
CA LEU A 260 -3.43 -37.26 29.07
C LEU A 260 -3.74 -37.11 30.55
N ILE A 261 -5.02 -37.05 30.93
CA ILE A 261 -5.38 -36.84 32.32
C ILE A 261 -4.81 -37.97 33.18
N ASN A 262 -4.34 -37.61 34.37
CA ASN A 262 -3.67 -38.44 35.37
C ASN A 262 -2.21 -38.68 35.03
N LYS A 263 -1.76 -38.37 33.82
CA LYS A 263 -0.36 -38.64 33.55
C LYS A 263 0.53 -37.61 34.25
N THR A 264 1.79 -37.98 34.39
CA THR A 264 2.80 -37.17 35.03
C THR A 264 3.59 -36.43 33.97
N VAL A 265 3.98 -35.19 34.27
CA VAL A 265 4.86 -34.43 33.38
C VAL A 265 6.13 -34.08 34.14
N LYS A 266 7.22 -33.97 33.40
CA LYS A 266 8.55 -33.79 33.97
C LYS A 266 9.31 -32.79 33.14
N VAL A 267 9.89 -31.79 33.79
CA VAL A 267 10.80 -30.86 33.12
C VAL A 267 12.02 -31.63 32.67
N VAL A 268 12.30 -31.62 31.36
CA VAL A 268 13.47 -32.31 30.83
C VAL A 268 14.56 -31.37 30.34
N GLU A 269 14.28 -30.08 30.20
CA GLU A 269 15.26 -29.13 29.73
C GLU A 269 14.92 -27.73 30.20
N VAL A 270 15.95 -26.97 30.58
CA VAL A 270 15.82 -25.55 30.82
C VAL A 270 16.82 -24.85 29.90
N GLU A 271 16.37 -23.79 29.23
CA GLU A 271 17.24 -23.00 28.38
C GLU A 271 17.04 -21.53 28.74
N ASN A 272 18.11 -20.87 29.16
CA ASN A 272 18.12 -19.42 29.39
C ASN A 272 18.85 -18.77 28.23
N ARG A 273 18.10 -18.22 27.27
CA ARG A 273 18.74 -17.63 26.09
C ARG A 273 18.45 -16.14 26.05
N VAL A 274 19.41 -15.39 25.48
CA VAL A 274 19.27 -13.95 25.31
C VAL A 274 19.06 -13.67 23.84
N ARG A 275 17.95 -13.04 23.53
CA ARG A 275 17.57 -12.78 22.14
C ARG A 275 17.63 -11.29 21.90
N LEU A 276 18.04 -10.93 20.69
CA LEU A 276 18.05 -9.55 20.23
C LEU A 276 16.81 -9.30 19.41
N LEU A 277 16.04 -8.29 19.80
CA LEU A 277 14.87 -7.86 19.04
C LEU A 277 15.27 -6.66 18.19
N GLU A 278 15.21 -6.84 16.87
CA GLU A 278 15.79 -5.88 15.93
C GLU A 278 15.04 -4.56 15.92
N ARG A 279 15.77 -3.45 16.01
CA ARG A 279 15.16 -2.13 15.87
C ARG A 279 14.57 -1.95 14.47
N PRO A 280 13.55 -1.10 14.32
CA PRO A 280 12.91 -0.90 13.01
C PRO A 280 13.81 -0.17 12.04
N SER A 281 13.51 -0.35 10.75
CA SER A 281 14.05 0.47 9.68
C SER A 281 13.19 1.72 9.48
N PRO A 282 13.73 2.74 8.81
CA PRO A 282 12.92 3.93 8.49
C PRO A 282 11.71 3.62 7.62
N PHE A 283 10.70 4.47 7.72
CA PHE A 283 9.46 4.36 6.95
C PHE A 283 9.64 4.63 5.46
N ASN A 284 9.01 3.78 4.66
CA ASN A 284 8.53 4.15 3.34
C ASN A 284 7.06 4.53 3.53
N LEU A 285 6.45 5.14 2.52
CA LEU A 285 5.10 5.66 2.71
C LEU A 285 4.12 4.56 3.10
N THR A 286 4.27 3.39 2.51
CA THR A 286 3.37 2.27 2.81
C THR A 286 3.46 1.85 4.29
N ASP A 287 4.67 1.77 4.83
CA ASP A 287 4.85 1.47 6.26
C ASP A 287 4.20 2.55 7.12
N LEU A 288 4.48 3.82 6.81
CA LEU A 288 3.88 4.89 7.57
C LEU A 288 2.35 4.85 7.50
N GLN A 289 1.79 4.66 6.31
CA GLN A 289 0.34 4.51 6.21
C GLN A 289 -0.16 3.37 7.08
N ILE A 290 0.47 2.19 6.98
CA ILE A 290 0.03 1.06 7.80
C ILE A 290 0.12 1.37 9.30
N GLU A 291 1.25 1.94 9.74
CA GLU A 291 1.40 2.22 11.17
C GLU A 291 0.45 3.30 11.65
N ALA A 292 0.29 4.38 10.88
CA ALA A 292 -0.63 5.45 11.25
C ALA A 292 -2.06 4.94 11.32
N GLY A 293 -2.41 4.02 10.40
CA GLY A 293 -3.71 3.37 10.48
C GLY A 293 -3.87 2.55 11.75
N ARG A 294 -2.95 1.64 12.00
CA ARG A 294 -3.05 0.76 13.16
C ARG A 294 -3.08 1.55 14.46
N ILE A 295 -2.24 2.58 14.58
CA ILE A 295 -2.08 3.28 15.86
C ILE A 295 -3.16 4.35 16.05
N TYR A 296 -3.53 5.04 14.96
CA TYR A 296 -4.41 6.21 15.08
C TYR A 296 -5.66 6.16 14.20
N GLY A 297 -5.86 5.12 13.41
CA GLY A 297 -7.04 5.11 12.56
C GLY A 297 -7.05 6.08 11.40
N ILE A 298 -5.93 6.74 11.09
CA ILE A 298 -5.90 7.71 9.99
C ILE A 298 -5.88 6.98 8.65
N SER A 299 -6.67 7.50 7.69
CA SER A 299 -6.79 6.84 6.40
C SER A 299 -5.54 7.08 5.55
N PRO A 300 -5.21 6.14 4.66
CA PRO A 300 -3.96 6.27 3.91
C PRO A 300 -3.89 7.50 3.03
N TYR A 301 -5.04 7.95 2.49
CA TYR A 301 -5.07 9.18 1.70
C TYR A 301 -4.76 10.40 2.57
N ASN A 302 -5.29 10.44 3.79
CA ASN A 302 -4.99 11.54 4.69
C ASN A 302 -3.54 11.49 5.15
N VAL A 303 -3.00 10.30 5.43
CA VAL A 303 -1.60 10.19 5.82
C VAL A 303 -0.72 10.75 4.71
N GLU A 304 -1.05 10.45 3.45
CA GLU A 304 -0.26 10.94 2.32
C GLU A 304 -0.28 12.47 2.27
N ARG A 305 -1.42 13.09 2.53
CA ARG A 305 -1.46 14.53 2.40
C ARG A 305 -0.87 15.23 3.63
N ILE A 306 -0.97 14.62 4.82
CA ILE A 306 -0.29 15.21 5.97
C ILE A 306 1.24 15.12 5.79
N ALA A 307 1.72 13.94 5.41
CA ALA A 307 3.14 13.78 5.12
C ALA A 307 3.63 14.82 4.11
N GLU A 308 2.82 15.12 3.08
CA GLU A 308 3.18 16.17 2.13
C GLU A 308 3.29 17.54 2.82
N ASP A 309 2.28 17.90 3.63
CA ASP A 309 2.34 19.20 4.28
C ASP A 309 3.56 19.31 5.19
N LEU A 310 3.90 18.24 5.91
CA LEU A 310 5.11 18.26 6.74
C LEU A 310 6.35 18.47 5.88
N TYR A 311 6.39 17.86 4.69
CA TYR A 311 7.53 18.00 3.82
C TYR A 311 7.60 19.39 3.19
N LEU A 312 6.45 19.98 2.89
CA LEU A 312 6.44 21.34 2.36
C LEU A 312 6.87 22.34 3.43
N ASP A 313 6.63 22.03 4.70
CA ASP A 313 7.10 22.79 5.85
C ASP A 313 8.58 22.52 6.19
N GLY A 314 9.28 21.65 5.47
CA GLY A 314 10.68 21.39 5.75
C GLY A 314 10.95 20.51 6.95
N LEU A 315 9.95 19.82 7.47
CA LEU A 315 10.10 19.02 8.68
C LEU A 315 10.49 17.56 8.42
N ILE A 316 10.18 17.02 7.24
CA ILE A 316 10.50 15.64 6.87
C ILE A 316 10.97 15.63 5.42
N SER A 317 11.75 14.61 5.08
CA SER A 317 12.15 14.40 3.68
C SER A 317 10.94 14.06 2.80
N PHE A 318 11.17 14.05 1.49
CA PHE A 318 10.10 13.78 0.53
C PHE A 318 9.40 12.45 0.83
N PRO A 319 8.10 12.46 1.15
CA PRO A 319 7.45 11.25 1.66
C PRO A 319 7.04 10.22 0.60
N ARG A 320 6.94 10.57 -0.67
CA ARG A 320 6.43 9.60 -1.65
C ARG A 320 7.58 8.73 -2.11
N THR A 321 7.96 7.78 -1.26
CA THR A 321 9.14 6.98 -1.47
C THR A 321 8.82 5.54 -1.09
N ASN A 322 9.43 4.61 -1.79
CA ASN A 322 9.35 3.20 -1.45
C ASN A 322 10.56 2.74 -0.64
N SER A 323 11.58 3.57 -0.53
CA SER A 323 12.81 3.18 0.16
C SER A 323 12.60 3.03 1.66
N GLN A 324 13.30 2.05 2.22
CA GLN A 324 13.48 1.91 3.66
C GLN A 324 14.95 2.09 4.01
N LYS A 325 15.69 2.78 3.14
CA LYS A 325 17.12 2.99 3.33
C LYS A 325 17.42 4.47 3.45
N ILE A 326 18.45 4.78 4.22
CA ILE A 326 19.10 6.08 4.31
C ILE A 326 20.49 5.93 3.72
N PRO A 327 20.84 6.63 2.65
CA PRO A 327 22.20 6.52 2.11
C PRO A 327 23.18 7.36 2.92
N SER A 328 24.47 7.08 2.69
CA SER A 328 25.56 7.69 3.45
C SER A 328 25.77 9.18 3.17
N THR A 329 25.22 9.70 2.07
CA THR A 329 25.31 11.13 1.77
C THR A 329 24.38 11.97 2.65
N ILE A 330 23.47 11.34 3.39
CA ILE A 330 22.54 12.05 4.25
C ILE A 330 23.16 12.16 5.64
N SER A 331 23.41 13.40 6.08
CA SER A 331 24.07 13.66 7.36
C SER A 331 23.14 13.30 8.50
N ILE A 332 23.37 12.12 9.11
CA ILE A 332 22.65 11.74 10.32
C ILE A 332 22.97 12.70 11.45
N TYR A 333 24.23 13.13 11.54
CA TYR A 333 24.62 14.08 12.57
C TYR A 333 23.78 15.34 12.51
N ASN A 334 23.54 15.87 11.31
CA ASN A 334 22.77 17.11 11.21
C ASN A 334 21.32 16.92 11.65
N ILE A 335 20.75 15.73 11.42
CA ILE A 335 19.39 15.46 11.88
C ILE A 335 19.35 15.37 13.39
N ILE A 336 20.24 14.54 13.96
CA ILE A 336 20.26 14.34 15.41
C ILE A 336 20.45 15.67 16.13
N LYS A 337 21.38 16.50 15.66
CA LYS A 337 21.62 17.76 16.35
C LYS A 337 20.47 18.73 16.14
N GLY A 338 19.79 18.64 14.99
CA GLY A 338 18.54 19.38 14.82
C GLY A 338 17.48 18.93 15.80
N LEU A 339 17.30 17.61 15.95
CA LEU A 339 16.35 17.08 16.92
C LEU A 339 16.76 17.33 18.36
N GLU A 340 18.05 17.61 18.62
CA GLU A 340 18.46 18.04 19.95
C GLU A 340 17.86 19.41 20.29
N ASN A 341 17.95 20.34 19.34
CA ASN A 341 17.31 21.63 19.48
C ASN A 341 15.79 21.52 19.30
N SER A 342 15.14 20.63 20.04
CA SER A 342 13.70 20.42 19.90
C SER A 342 13.22 19.63 21.11
N SER A 343 11.92 19.33 21.12
CA SER A 343 11.27 18.57 22.17
C SER A 343 11.68 17.10 22.23
N TYR A 344 12.49 16.63 21.27
CA TYR A 344 12.90 15.24 21.25
C TYR A 344 14.25 15.02 21.91
N ARG A 345 14.83 16.07 22.48
CA ARG A 345 16.19 15.97 23.00
C ARG A 345 16.32 14.89 24.07
N LYS A 346 15.27 14.67 24.84
CA LYS A 346 15.32 13.61 25.85
C LYS A 346 15.47 12.24 25.20
N LEU A 347 14.84 12.03 24.04
CA LEU A 347 15.01 10.75 23.33
C LEU A 347 16.37 10.67 22.65
N VAL A 348 16.83 11.80 22.11
CA VAL A 348 18.17 11.85 21.53
C VAL A 348 19.20 11.43 22.57
N ASP A 349 19.10 12.00 23.78
CA ASP A 349 20.04 11.62 24.85
C ASP A 349 19.98 10.14 25.12
N LEU A 350 18.78 9.54 25.05
CA LEU A 350 18.67 8.10 25.22
C LEU A 350 19.34 7.34 24.05
N VAL A 351 19.14 7.81 22.83
CA VAL A 351 19.78 7.18 21.68
C VAL A 351 21.29 7.30 21.80
N ARG A 352 21.75 8.48 22.19
CA ARG A 352 23.18 8.69 22.40
C ARG A 352 23.72 7.74 23.46
N LYS A 353 22.93 7.44 24.48
CA LYS A 353 23.37 6.57 25.57
C LYS A 353 23.50 5.11 25.12
N ILE A 354 22.41 4.51 24.63
CA ILE A 354 22.41 3.07 24.28
C ILE A 354 23.21 2.76 23.02
N THR A 355 23.70 3.77 22.31
CA THR A 355 24.53 3.51 21.13
C THR A 355 26.01 3.75 21.38
N GLY A 356 26.38 4.31 22.54
CA GLY A 356 27.74 4.77 22.71
C GLY A 356 28.11 5.92 21.80
N GLY A 357 27.13 6.69 21.33
CA GLY A 357 27.41 7.86 20.53
C GLY A 357 27.67 7.61 19.07
N LYS A 358 27.24 6.48 18.51
CA LYS A 358 27.36 6.21 17.08
C LYS A 358 25.99 5.81 16.55
N TYR A 359 25.48 6.56 15.56
CA TYR A 359 24.14 6.37 15.01
C TYR A 359 24.24 5.63 13.68
N VAL A 360 23.81 4.37 13.66
CA VAL A 360 23.87 3.52 12.48
C VAL A 360 22.45 3.17 12.10
N VAL A 361 22.02 3.57 10.88
CA VAL A 361 20.67 3.25 10.42
C VAL A 361 20.55 1.74 10.24
N LYS A 362 19.46 1.17 10.75
CA LYS A 362 19.07 -0.20 10.45
C LYS A 362 18.42 -0.24 9.07
N GLN A 363 19.26 -0.39 8.03
CA GLN A 363 18.78 -0.28 6.66
C GLN A 363 17.72 -1.33 6.36
N GLY A 364 16.60 -0.88 5.79
CA GLY A 364 15.54 -1.80 5.40
C GLY A 364 15.83 -2.48 4.06
N ILE A 365 14.87 -3.28 3.62
CA ILE A 365 15.04 -4.08 2.40
C ILE A 365 14.65 -3.27 1.14
N LYS A 366 13.50 -2.62 1.16
CA LYS A 366 12.94 -2.00 -0.03
C LYS A 366 13.72 -0.75 -0.44
N ASP A 367 13.82 -0.52 -1.74
CA ASP A 367 14.58 0.59 -2.26
C ASP A 367 13.69 1.50 -3.12
N ASP A 368 14.27 2.62 -3.55
CA ASP A 368 13.59 3.55 -4.42
C ASP A 368 14.67 4.26 -5.23
N PRO A 369 14.57 4.29 -6.57
CA PRO A 369 15.66 4.90 -7.35
C PRO A 369 15.77 6.40 -7.14
N ALA A 370 14.71 7.08 -6.73
CA ALA A 370 14.75 8.53 -6.71
C ALA A 370 14.89 9.12 -5.32
N HIS A 371 14.59 8.38 -4.26
CA HIS A 371 14.53 9.00 -2.94
C HIS A 371 14.96 8.04 -1.85
N PRO A 372 15.51 8.56 -0.74
CA PRO A 372 15.69 7.76 0.47
C PRO A 372 14.36 7.64 1.22
N ALA A 373 14.41 6.91 2.34
CA ALA A 373 13.25 6.68 3.17
C ALA A 373 12.76 7.99 3.80
N ILE A 374 11.61 7.93 4.46
CA ILE A 374 11.05 9.11 5.11
C ILE A 374 11.75 9.33 6.44
N HIS A 375 12.24 10.55 6.67
CA HIS A 375 12.97 10.85 7.88
C HIS A 375 12.76 12.31 8.27
N PRO A 376 12.85 12.66 9.54
CA PRO A 376 12.79 14.07 9.91
C PRO A 376 14.02 14.80 9.41
N THR A 377 13.85 16.06 9.04
CA THR A 377 15.00 16.83 8.58
C THR A 377 15.86 17.30 9.75
N GLY A 378 15.31 17.31 10.96
CA GLY A 378 15.93 17.96 12.09
C GLY A 378 15.33 19.32 12.43
N GLU A 379 14.65 19.96 11.49
CA GLU A 379 13.93 21.21 11.76
C GLU A 379 12.88 20.98 12.83
N ALA A 380 12.82 21.89 13.80
CA ALA A 380 11.85 21.73 14.87
C ALA A 380 10.45 22.18 14.43
N PRO A 381 9.42 21.39 14.67
CA PRO A 381 8.07 21.82 14.31
C PRO A 381 7.55 22.92 15.22
N LYS A 382 6.65 23.72 14.68
CA LYS A 382 5.86 24.67 15.46
C LYS A 382 4.47 24.75 14.86
N ASN A 383 3.46 24.80 15.72
CA ASN A 383 2.06 24.91 15.30
C ASN A 383 1.65 23.75 14.38
N LEU A 384 1.86 22.53 14.88
CA LEU A 384 1.33 21.35 14.24
C LEU A 384 0.04 20.96 14.94
N PRO A 385 -1.11 21.05 14.28
CA PRO A 385 -2.32 20.45 14.83
C PRO A 385 -2.07 18.99 15.18
N ASN A 386 -2.74 18.52 16.24
CA ASN A 386 -2.47 17.21 16.80
C ASN A 386 -2.45 16.12 15.71
N SER A 387 -3.32 16.25 14.70
CA SER A 387 -3.31 15.26 13.62
C SER A 387 -2.02 15.33 12.79
N LYS A 388 -1.49 16.52 12.55
CA LYS A 388 -0.21 16.57 11.85
C LYS A 388 0.95 16.28 12.77
N PHE A 389 0.80 16.51 14.08
CA PHE A 389 1.87 16.12 14.98
C PHE A 389 1.96 14.60 15.16
N LYS A 390 0.82 13.89 15.15
CA LYS A 390 0.88 12.45 15.35
C LYS A 390 1.68 11.77 14.23
N ILE A 391 1.56 12.29 13.01
CA ILE A 391 2.33 11.75 11.89
C ILE A 391 3.80 12.11 12.02
N TYR A 392 4.09 13.38 12.36
CA TYR A 392 5.48 13.80 12.52
C TYR A 392 6.17 12.95 13.58
N ASP A 393 5.48 12.71 14.70
CA ASP A 393 6.06 11.97 15.82
C ASP A 393 6.33 10.51 15.44
N LEU A 394 5.44 9.90 14.65
CA LEU A 394 5.70 8.54 14.16
C LEU A 394 7.00 8.50 13.35
N ILE A 395 7.13 9.43 12.40
CA ILE A 395 8.30 9.49 11.53
C ILE A 395 9.57 9.73 12.34
N ALA A 396 9.52 10.64 13.32
CA ALA A 396 10.72 10.97 14.09
C ALA A 396 11.11 9.84 15.04
N ARG A 397 10.15 9.26 15.74
CA ARG A 397 10.47 8.15 16.63
C ARG A 397 10.88 6.91 15.86
N ARG A 398 10.30 6.71 14.68
CA ARG A 398 10.72 5.61 13.82
C ARG A 398 12.16 5.78 13.35
N PHE A 399 12.54 6.99 12.93
CA PHE A 399 13.92 7.24 12.55
C PHE A 399 14.87 7.11 13.73
N LEU A 400 14.53 7.78 14.83
CA LEU A 400 15.36 7.70 16.03
C LEU A 400 15.49 6.27 16.53
N GLY A 401 14.41 5.50 16.44
CA GLY A 401 14.49 4.08 16.76
C GLY A 401 15.42 3.31 15.84
N SER A 402 15.46 3.70 14.55
CA SER A 402 16.31 2.94 13.62
C SER A 402 17.78 3.24 13.81
N VAL A 403 18.15 4.36 14.44
CA VAL A 403 19.53 4.69 14.69
C VAL A 403 19.92 4.40 16.13
N SER A 404 19.10 3.62 16.85
CA SER A 404 19.36 3.33 18.26
C SER A 404 19.95 1.94 18.41
N ALA A 405 19.30 1.05 19.16
CA ALA A 405 19.90 -0.25 19.43
C ALA A 405 18.81 -1.31 19.52
N ASP A 406 19.13 -2.50 19.01
CA ASP A 406 18.23 -3.64 19.16
C ASP A 406 17.97 -3.92 20.64
N ALA A 407 16.76 -4.37 20.95
CA ALA A 407 16.40 -4.64 22.33
C ALA A 407 16.86 -6.03 22.73
N LYS A 408 17.09 -6.22 24.03
CA LYS A 408 17.61 -7.48 24.54
C LYS A 408 16.58 -8.16 25.43
N LEU A 409 16.25 -9.40 25.09
CA LEU A 409 15.22 -10.16 25.76
C LEU A 409 15.83 -11.39 26.40
N SER A 410 15.44 -11.66 27.66
CA SER A 410 15.81 -12.86 28.39
C SER A 410 14.65 -13.84 28.33
N ASN A 411 14.87 -14.97 27.67
CA ASN A 411 13.86 -16.00 27.49
C ASN A 411 14.26 -17.23 28.31
N THR A 412 13.36 -17.65 29.19
CA THR A 412 13.47 -18.88 29.95
C THR A 412 12.50 -19.88 29.35
N ILE A 413 13.01 -20.95 28.77
CA ILE A 413 12.18 -21.92 28.06
C ILE A 413 12.30 -23.26 28.76
N TYR A 414 11.19 -23.73 29.31
CA TYR A 414 11.10 -25.03 29.97
C TYR A 414 10.51 -26.06 29.01
N THR A 415 11.24 -27.13 28.75
CA THR A 415 10.73 -28.23 27.94
C THR A 415 10.16 -29.30 28.88
N LEU A 416 8.85 -29.51 28.83
CA LEU A 416 8.22 -30.54 29.65
C LEU A 416 7.83 -31.73 28.78
N LYS A 417 8.04 -32.93 29.30
CA LYS A 417 7.64 -34.16 28.63
C LYS A 417 6.67 -34.91 29.51
N VAL A 418 5.55 -35.34 28.93
CA VAL A 418 4.64 -36.25 29.62
C VAL A 418 5.32 -37.61 29.67
N SER A 419 5.63 -38.08 30.87
CA SER A 419 6.23 -39.40 30.98
C SER A 419 5.14 -40.45 30.73
N ASP A 420 5.51 -41.50 29.99
CA ASP A 420 4.60 -42.55 29.51
C ASP A 420 3.82 -42.12 28.27
N PHE A 421 4.33 -41.14 27.52
CA PHE A 421 3.66 -40.69 26.31
C PHE A 421 4.61 -39.80 25.51
N PRO A 422 4.66 -39.96 24.17
CA PRO A 422 5.54 -39.11 23.35
C PRO A 422 4.90 -37.77 23.01
N LEU A 423 4.85 -36.92 24.03
CA LEU A 423 4.34 -35.56 23.88
C LEU A 423 5.22 -34.63 24.68
N GLU A 424 5.89 -33.70 23.99
CA GLU A 424 6.63 -32.62 24.63
C GLU A 424 5.95 -31.29 24.34
N PHE A 425 6.16 -30.34 25.24
CA PHE A 425 5.61 -29.01 25.06
C PHE A 425 6.40 -28.08 25.96
N THR A 426 6.48 -26.81 25.56
CA THR A 426 7.32 -25.84 26.24
C THR A 426 6.48 -24.81 27.00
N VAL A 427 7.07 -24.26 28.05
CA VAL A 427 6.52 -23.16 28.82
C VAL A 427 7.63 -22.12 28.99
N SER A 428 7.33 -20.89 28.64
CA SER A 428 8.38 -19.89 28.58
C SER A 428 7.85 -18.56 29.06
N TYR A 429 8.72 -17.80 29.73
CA TYR A 429 8.44 -16.41 30.02
C TYR A 429 9.59 -15.57 29.50
N THR A 430 9.28 -14.33 29.11
CA THR A 430 10.26 -13.39 28.62
C THR A 430 10.38 -12.22 29.59
N LYS A 431 11.63 -11.77 29.83
CA LYS A 431 11.89 -10.57 30.60
C LYS A 431 12.80 -9.67 29.78
N ILE A 432 12.44 -8.39 29.68
CA ILE A 432 13.18 -7.45 28.85
C ILE A 432 14.39 -6.94 29.63
N LEU A 433 15.60 -7.39 29.25
CA LEU A 433 16.85 -6.87 29.77
C LEU A 433 16.97 -5.38 29.48
N GLU A 434 17.06 -5.04 28.19
CA GLU A 434 17.30 -3.69 27.71
C GLU A 434 16.22 -3.32 26.70
N ARG A 435 15.38 -2.36 27.05
CA ARG A 435 14.26 -2.00 26.18
C ARG A 435 14.76 -1.33 24.91
N ASN A 436 15.76 -0.45 25.04
CA ASN A 436 16.42 0.17 23.90
C ASN A 436 15.39 0.85 23.00
N TRP A 437 15.23 0.42 21.75
CA TRP A 437 14.34 1.12 20.83
C TRP A 437 12.87 1.02 21.25
N LEU A 438 12.53 0.03 22.08
CA LEU A 438 11.16 -0.10 22.56
C LEU A 438 10.72 1.14 23.34
N ASP A 439 11.67 1.89 23.90
CA ASP A 439 11.39 3.17 24.56
C ASP A 439 11.39 4.36 23.61
N ILE A 440 11.78 4.16 22.35
CA ILE A 440 11.87 5.24 21.39
C ILE A 440 10.72 5.17 20.40
N TYR A 441 10.69 4.11 19.59
CA TYR A 441 9.49 3.80 18.82
C TYR A 441 8.60 2.96 19.73
N HIS A 442 7.91 3.66 20.65
CA HIS A 442 7.21 2.99 21.75
C HIS A 442 5.82 2.49 21.35
N PHE A 443 5.67 2.06 20.11
CA PHE A 443 4.41 1.58 19.58
C PHE A 443 4.42 0.08 19.35
N HIS A 444 5.17 -0.65 20.17
CA HIS A 444 5.30 -2.09 20.03
C HIS A 444 5.22 -2.71 21.42
N ASN A 445 4.11 -3.40 21.68
CA ASN A 445 3.88 -4.05 22.95
C ASN A 445 4.57 -5.42 23.00
N VAL A 446 5.49 -5.59 23.94
CA VAL A 446 6.21 -6.84 24.12
C VAL A 446 5.80 -7.42 25.48
N LYS A 447 5.17 -8.60 25.44
CA LYS A 447 4.52 -9.22 26.60
C LYS A 447 5.56 -9.88 27.50
N GLU A 448 5.71 -9.38 28.71
CA GLU A 448 6.53 -10.04 29.72
C GLU A 448 5.62 -10.81 30.67
N ASP A 449 5.66 -12.14 30.59
CA ASP A 449 4.83 -12.96 31.46
C ASP A 449 5.38 -12.96 32.89
N LYS A 450 4.54 -13.40 33.81
CA LYS A 450 4.96 -13.52 35.20
C LYS A 450 5.95 -14.66 35.32
N PRO A 451 7.07 -14.48 36.03
CA PRO A 451 8.08 -15.54 36.09
C PRO A 451 7.54 -16.82 36.75
N ILE A 452 8.00 -17.94 36.22
CA ILE A 452 7.71 -19.26 36.74
C ILE A 452 9.06 -19.94 36.95
N PHE A 453 9.33 -20.40 38.17
CA PHE A 453 10.62 -21.02 38.49
C PHE A 453 10.44 -22.54 38.47
N LEU A 454 11.04 -23.18 37.47
CA LEU A 454 11.08 -24.61 37.30
C LEU A 454 12.53 -25.04 37.10
N SER A 455 12.79 -26.31 37.38
CA SER A 455 14.13 -26.88 37.34
C SER A 455 14.07 -28.25 36.70
N LYS A 456 15.16 -28.65 36.05
CA LYS A 456 15.23 -29.99 35.49
C LYS A 456 14.92 -31.03 36.57
N GLY A 457 14.09 -32.02 36.21
CA GLY A 457 13.66 -33.03 37.15
C GLY A 457 12.32 -32.76 37.82
N ASP A 458 11.87 -31.50 37.88
CA ASP A 458 10.58 -31.20 38.51
C ASP A 458 9.46 -31.96 37.82
N GLU A 459 8.50 -32.43 38.61
CA GLU A 459 7.41 -33.26 38.10
C GLU A 459 6.06 -32.73 38.56
N GLY A 460 5.05 -33.00 37.74
CA GLY A 460 3.69 -32.61 38.05
C GLY A 460 2.72 -33.56 37.41
N LYS A 461 1.45 -33.37 37.78
CA LYS A 461 0.36 -34.19 37.28
C LYS A 461 -0.54 -33.35 36.39
N ILE A 462 -1.01 -33.97 35.30
CA ILE A 462 -2.10 -33.44 34.47
C ILE A 462 -3.39 -33.80 35.19
N VAL A 463 -4.02 -32.83 35.87
CA VAL A 463 -5.11 -33.13 36.80
C VAL A 463 -6.47 -32.80 36.20
N ASP A 464 -6.53 -32.27 34.99
CA ASP A 464 -7.77 -31.78 34.43
C ASP A 464 -7.52 -31.35 32.99
N GLY A 465 -8.58 -30.97 32.32
CA GLY A 465 -8.45 -30.59 30.93
C GLY A 465 -9.80 -30.44 30.28
N LYS A 466 -9.77 -29.98 29.03
CA LYS A 466 -10.98 -29.64 28.32
C LYS A 466 -10.77 -29.94 26.85
N VAL A 467 -11.86 -30.34 26.19
CA VAL A 467 -11.91 -30.33 24.74
C VAL A 467 -12.51 -28.99 24.32
N ASN A 468 -11.76 -28.26 23.51
CA ASN A 468 -12.12 -26.92 23.09
C ASN A 468 -12.46 -26.94 21.61
N ILE A 469 -13.62 -26.40 21.25
CA ILE A 469 -14.01 -26.25 19.86
C ILE A 469 -13.41 -24.95 19.32
N SER A 470 -13.00 -24.97 18.06
CA SER A 470 -12.56 -23.78 17.35
C SER A 470 -13.21 -23.77 15.97
N LEU A 471 -13.82 -22.65 15.61
CA LEU A 471 -14.55 -22.48 14.35
C LEU A 471 -13.67 -21.78 13.32
N SER A 472 -13.58 -22.35 12.11
CA SER A 472 -12.75 -21.76 11.07
C SER A 472 -13.18 -20.34 10.74
N LYS A 473 -12.26 -19.57 10.15
CA LYS A 473 -12.44 -18.13 9.98
C LYS A 473 -12.40 -17.74 8.51
N PRO A 474 -13.13 -16.68 8.14
CA PRO A 474 -13.08 -16.16 6.76
C PRO A 474 -11.93 -15.18 6.57
N THR A 475 -11.75 -14.73 5.33
CA THR A 475 -10.86 -13.59 5.11
C THR A 475 -11.39 -12.37 5.85
N SER A 476 -10.45 -11.53 6.28
CA SER A 476 -10.82 -10.35 7.03
C SER A 476 -11.45 -9.33 6.10
N ARG A 477 -12.19 -8.41 6.66
CA ARG A 477 -12.73 -7.33 5.89
C ARG A 477 -11.64 -6.35 5.51
N TYR A 478 -11.89 -5.56 4.49
CA TYR A 478 -10.94 -4.57 4.04
C TYR A 478 -11.20 -3.24 4.73
N THR A 479 -10.13 -2.61 5.20
CA THR A 479 -10.12 -1.18 5.47
C THR A 479 -9.44 -0.51 4.29
N LYS A 480 -9.53 0.82 4.24
CA LYS A 480 -8.77 1.52 3.21
C LYS A 480 -7.27 1.21 3.32
N VAL A 481 -6.76 1.06 4.55
CA VAL A 481 -5.34 0.82 4.74
C VAL A 481 -4.97 -0.62 4.40
N SER A 482 -5.81 -1.60 4.76
CA SER A 482 -5.45 -2.98 4.39
C SER A 482 -5.59 -3.18 2.90
N LEU A 483 -6.51 -2.47 2.26
CA LEU A 483 -6.57 -2.49 0.80
C LEU A 483 -5.31 -1.85 0.20
N LEU A 484 -4.92 -0.68 0.72
CA LEU A 484 -3.63 -0.08 0.38
C LEU A 484 -2.50 -1.10 0.47
N LYS A 485 -2.45 -1.81 1.60
CA LYS A 485 -1.42 -2.83 1.78
C LYS A 485 -1.51 -3.91 0.72
N TRP A 486 -2.73 -4.35 0.38
CA TRP A 486 -2.89 -5.35 -0.67
C TRP A 486 -2.41 -4.81 -2.02
N MET A 487 -2.70 -3.54 -2.32
CA MET A 487 -2.22 -2.96 -3.59
C MET A 487 -0.70 -2.94 -3.64
N GLU A 488 -0.06 -2.44 -2.58
CA GLU A 488 1.39 -2.42 -2.56
C GLU A 488 1.95 -3.83 -2.70
N SER A 489 1.33 -4.78 -1.99
CA SER A 489 1.78 -6.16 -2.04
C SER A 489 1.68 -6.71 -3.47
N SER A 490 0.65 -6.29 -4.20
CA SER A 490 0.47 -6.71 -5.58
C SER A 490 1.22 -5.84 -6.57
N ASN A 491 1.90 -4.79 -6.12
CA ASN A 491 2.60 -3.87 -7.00
C ASN A 491 1.63 -3.11 -7.92
N LEU A 492 0.48 -2.73 -7.39
CA LEU A 492 -0.45 -1.86 -8.09
C LEU A 492 -0.31 -0.44 -7.57
N GLY A 493 -0.24 0.52 -8.48
CA GLY A 493 -0.15 1.91 -8.07
C GLY A 493 1.24 2.27 -7.58
N THR A 494 1.37 3.52 -7.20
CA THR A 494 2.59 4.11 -6.64
C THR A 494 2.26 4.68 -5.28
N GLU A 495 3.28 5.10 -4.53
CA GLU A 495 3.06 5.76 -3.26
C GLU A 495 2.04 6.90 -3.35
N ALA A 496 1.99 7.56 -4.51
CA ALA A 496 1.10 8.72 -4.65
C ALA A 496 -0.32 8.34 -5.05
N THR A 497 -0.48 7.37 -5.96
CA THR A 497 -1.79 7.08 -6.55
C THR A 497 -2.63 6.11 -5.76
N ARG A 498 -2.05 5.35 -4.83
CA ARG A 498 -2.84 4.27 -4.22
C ARG A 498 -3.98 4.83 -3.38
N GLY A 499 -3.65 5.70 -2.40
CA GLY A 499 -4.71 6.38 -1.68
C GLY A 499 -5.74 6.99 -2.62
N ARG A 500 -5.27 7.77 -3.60
CA ARG A 500 -6.18 8.51 -4.48
C ARG A 500 -7.07 7.58 -5.27
N ILE A 501 -6.53 6.44 -5.73
CA ILE A 501 -7.29 5.54 -6.59
C ILE A 501 -8.40 4.85 -5.79
N ILE A 502 -8.13 4.54 -4.52
CA ILE A 502 -9.18 4.08 -3.61
C ILE A 502 -10.30 5.11 -3.52
N GLU A 503 -9.93 6.38 -3.29
CA GLU A 503 -10.91 7.46 -3.23
C GLU A 503 -11.65 7.64 -4.56
N ILE A 504 -11.04 7.26 -5.69
CA ILE A 504 -11.77 7.26 -6.97
C ILE A 504 -12.88 6.21 -6.93
N LEU A 505 -12.55 5.00 -6.44
CA LEU A 505 -13.52 3.92 -6.36
C LEU A 505 -14.71 4.30 -5.49
N VAL A 506 -14.48 5.12 -4.46
CA VAL A 506 -15.58 5.63 -3.64
C VAL A 506 -16.37 6.69 -4.41
N LYS A 507 -15.66 7.62 -5.07
CA LYS A 507 -16.34 8.71 -5.76
C LYS A 507 -17.19 8.21 -6.92
N ARG A 508 -16.74 7.17 -7.62
CA ARG A 508 -17.58 6.55 -8.64
C ARG A 508 -18.74 5.78 -8.04
N LYS A 509 -18.85 5.73 -6.71
CA LYS A 509 -19.89 4.96 -6.04
C LYS A 509 -19.76 3.46 -6.31
N TYR A 510 -18.53 2.98 -6.50
CA TYR A 510 -18.24 1.56 -6.61
C TYR A 510 -18.04 0.90 -5.24
N LEU A 511 -17.42 1.64 -4.32
CA LEU A 511 -17.16 1.19 -2.96
C LEU A 511 -17.72 2.23 -2.01
N THR A 512 -17.88 1.86 -0.75
CA THR A 512 -18.42 2.80 0.21
C THR A 512 -17.96 2.41 1.61
N ASN A 513 -18.14 3.33 2.54
CA ASN A 513 -17.63 3.18 3.90
C ASN A 513 -18.70 2.59 4.80
N ASN A 514 -18.53 1.33 5.17
CA ASN A 514 -19.29 0.74 6.28
C ASN A 514 -18.45 0.94 7.55
N GLY A 515 -18.58 2.14 8.12
CA GLY A 515 -17.83 2.48 9.32
C GLY A 515 -16.34 2.36 9.11
N ARG A 516 -15.72 1.51 9.88
CA ARG A 516 -14.31 1.23 9.82
C ARG A 516 -13.92 0.65 8.49
N TYR A 517 -14.83 -0.05 7.84
CA TYR A 517 -14.48 -0.88 6.70
C TYR A 517 -14.94 -0.23 5.40
N ILE A 518 -14.60 -0.87 4.28
CA ILE A 518 -15.06 -0.45 2.97
C ILE A 518 -15.67 -1.65 2.25
N ILE A 519 -16.83 -1.45 1.65
CA ILE A 519 -17.60 -2.55 1.09
C ILE A 519 -18.08 -2.19 -0.31
N PRO A 520 -18.27 -3.15 -1.20
CA PRO A 520 -18.76 -2.82 -2.54
C PRO A 520 -20.20 -2.33 -2.49
N THR A 521 -20.53 -1.45 -3.43
CA THR A 521 -21.93 -1.17 -3.72
C THR A 521 -22.46 -2.17 -4.74
N LYS A 522 -23.78 -2.16 -4.86
CA LYS A 522 -24.44 -2.91 -5.91
C LYS A 522 -23.89 -2.53 -7.28
N LEU A 523 -23.75 -1.23 -7.55
CA LEU A 523 -23.03 -0.78 -8.76
C LEU A 523 -21.64 -1.44 -8.85
N GLY A 524 -20.87 -1.37 -7.76
CA GLY A 524 -19.55 -2.00 -7.76
C GLY A 524 -19.60 -3.48 -8.08
N PHE A 525 -20.60 -4.19 -7.52
CA PHE A 525 -20.77 -5.61 -7.79
C PHE A 525 -20.87 -5.89 -9.28
N TYR A 526 -21.75 -5.18 -10.00
CA TYR A 526 -21.98 -5.50 -11.40
C TYR A 526 -20.81 -5.08 -12.29
N ILE A 527 -20.20 -3.93 -11.96
CA ILE A 527 -19.03 -3.47 -12.71
C ILE A 527 -17.93 -4.54 -12.69
N ALA A 528 -17.68 -5.12 -11.50
CA ALA A 528 -16.73 -6.23 -11.41
C ALA A 528 -17.12 -7.38 -12.34
N GLU A 529 -18.42 -7.72 -12.35
CA GLU A 529 -18.89 -8.81 -13.20
C GLU A 529 -18.78 -8.44 -14.67
N ILE A 530 -19.29 -7.26 -15.04
CA ILE A 530 -19.20 -6.82 -16.43
C ILE A 530 -17.75 -6.84 -16.90
N LEU A 531 -16.86 -6.26 -16.10
CA LEU A 531 -15.46 -6.12 -16.51
C LEU A 531 -14.76 -7.47 -16.60
N ASN A 532 -15.09 -8.40 -15.70
CA ASN A 532 -14.50 -9.74 -15.81
C ASN A 532 -15.01 -10.46 -17.04
N LYS A 533 -16.25 -10.19 -17.44
CA LYS A 533 -16.83 -10.88 -18.59
C LYS A 533 -16.20 -10.42 -19.90
N PHE A 534 -16.14 -9.10 -20.13
CA PHE A 534 -15.70 -8.58 -21.43
C PHE A 534 -14.31 -7.96 -21.47
N PHE A 535 -13.72 -7.62 -20.31
CA PHE A 535 -12.38 -7.04 -20.27
C PHE A 535 -11.58 -7.67 -19.14
N PRO A 536 -11.40 -9.00 -19.17
CA PRO A 536 -10.78 -9.68 -18.01
C PRO A 536 -9.33 -9.28 -17.77
N ASP A 537 -8.64 -8.85 -18.81
CA ASP A 537 -7.24 -8.45 -18.65
C ASP A 537 -7.12 -7.26 -17.70
N ILE A 538 -8.06 -6.33 -17.80
CA ILE A 538 -8.07 -5.07 -17.02
C ILE A 538 -8.38 -5.31 -15.54
N VAL A 539 -8.78 -6.52 -15.22
CA VAL A 539 -9.24 -6.84 -13.88
C VAL A 539 -8.25 -7.67 -13.04
N ASP A 540 -7.22 -8.15 -13.70
CA ASP A 540 -6.18 -8.98 -13.08
C ASP A 540 -4.97 -8.11 -12.75
N VAL A 541 -4.39 -8.31 -11.55
CA VAL A 541 -3.09 -7.72 -11.27
C VAL A 541 -2.01 -8.20 -12.24
N ARG A 542 -2.28 -9.27 -12.99
CA ARG A 542 -1.26 -9.74 -13.93
C ARG A 542 -1.00 -8.73 -15.04
N MET A 543 -2.00 -7.95 -15.43
CA MET A 543 -1.75 -6.94 -16.46
C MET A 543 -0.62 -5.99 -16.04
N THR A 544 -0.64 -5.54 -14.78
CA THR A 544 0.45 -4.69 -14.30
C THR A 544 1.77 -5.45 -14.30
N ALA A 545 1.77 -6.72 -13.88
CA ALA A 545 2.99 -7.52 -13.91
C ALA A 545 3.54 -7.64 -15.32
N ASP A 546 2.67 -7.99 -16.28
CA ASP A 546 3.08 -8.06 -17.68
C ASP A 546 3.55 -6.70 -18.17
N MET A 547 2.83 -5.63 -17.80
CA MET A 547 3.23 -4.32 -18.29
C MET A 547 4.58 -3.93 -17.72
N GLU A 548 4.78 -4.19 -16.43
CA GLU A 548 6.07 -3.87 -15.82
C GLU A 548 7.19 -4.63 -16.51
N SER A 549 6.92 -5.88 -16.91
CA SER A 549 7.94 -6.68 -17.60
C SER A 549 8.28 -6.10 -18.97
N LYS A 550 7.26 -5.76 -19.76
CA LYS A 550 7.52 -5.10 -21.04
C LYS A 550 8.25 -3.77 -20.85
N LEU A 551 7.93 -3.03 -19.79
CA LEU A 551 8.57 -1.73 -19.59
C LEU A 551 10.05 -1.90 -19.24
N GLU A 552 10.38 -2.95 -18.48
CA GLU A 552 11.78 -3.23 -18.21
C GLU A 552 12.52 -3.65 -19.47
N MET A 553 11.83 -4.32 -20.41
CA MET A 553 12.47 -4.63 -21.68
C MET A 553 12.73 -3.36 -22.49
N ILE A 554 11.80 -2.40 -22.49
CA ILE A 554 12.05 -1.13 -23.17
C ILE A 554 13.25 -0.42 -22.55
N LYS A 555 13.30 -0.36 -21.21
CA LYS A 555 14.38 0.35 -20.53
C LYS A 555 15.77 -0.24 -20.84
N THR A 556 15.82 -1.54 -21.18
CA THR A 556 17.09 -2.26 -21.33
C THR A 556 17.43 -2.53 -22.78
N GLY A 557 16.67 -2.01 -23.72
CA GLY A 557 16.98 -2.22 -25.12
C GLY A 557 16.57 -3.56 -25.66
N LYS A 558 15.64 -4.25 -24.99
CA LYS A 558 15.23 -5.58 -25.40
C LYS A 558 13.97 -5.59 -26.25
N VAL A 559 13.20 -4.51 -26.27
CA VAL A 559 12.05 -4.40 -27.16
C VAL A 559 11.80 -2.94 -27.48
N LEU A 560 11.02 -2.69 -28.52
CA LEU A 560 10.69 -1.34 -28.95
C LEU A 560 9.33 -0.97 -28.42
N GLU A 561 9.20 0.30 -28.03
CA GLU A 561 7.94 0.79 -27.53
C GLU A 561 6.80 0.55 -28.53
N SER A 562 7.08 0.71 -29.83
CA SER A 562 6.03 0.56 -30.84
C SER A 562 5.42 -0.85 -30.81
N LYS A 563 6.25 -1.89 -30.69
CA LYS A 563 5.73 -3.24 -30.56
C LYS A 563 4.79 -3.38 -29.37
N VAL A 564 5.25 -2.97 -28.19
CA VAL A 564 4.45 -3.12 -26.97
C VAL A 564 3.10 -2.44 -27.13
N ILE A 565 3.08 -1.26 -27.75
CA ILE A 565 1.82 -0.55 -27.92
C ILE A 565 0.93 -1.27 -28.92
N LYS A 566 1.50 -1.73 -30.04
CA LYS A 566 0.70 -2.47 -31.01
C LYS A 566 0.14 -3.75 -30.40
N GLU A 567 0.98 -4.51 -29.70
CA GLU A 567 0.49 -5.68 -28.98
C GLU A 567 -0.67 -5.30 -28.06
N ASN A 568 -0.49 -4.25 -27.26
CA ASN A 568 -1.58 -3.79 -26.40
C ASN A 568 -2.83 -3.47 -27.20
N ILE A 569 -2.65 -2.83 -28.37
CA ILE A 569 -3.79 -2.45 -29.19
C ILE A 569 -4.49 -3.69 -29.75
N GLU A 570 -3.73 -4.69 -30.17
CA GLU A 570 -4.33 -5.94 -30.62
C GLU A 570 -5.25 -6.51 -29.54
N LYS A 571 -4.74 -6.64 -28.32
CA LYS A 571 -5.52 -7.26 -27.24
C LYS A 571 -6.75 -6.44 -26.92
N LEU A 572 -6.57 -5.12 -26.81
CA LEU A 572 -7.69 -4.27 -26.47
C LEU A 572 -8.74 -4.29 -27.57
N ASN A 573 -8.30 -4.16 -28.82
CA ASN A 573 -9.24 -4.14 -29.95
C ASN A 573 -10.02 -5.44 -30.04
N LYS A 574 -9.34 -6.58 -29.92
CA LYS A 574 -10.04 -7.88 -29.95
C LYS A 574 -11.15 -7.92 -28.93
N PHE A 575 -10.89 -7.42 -27.72
CA PHE A 575 -11.96 -7.29 -26.74
C PHE A 575 -12.98 -6.27 -27.21
N ILE A 576 -12.53 -5.21 -27.89
CA ILE A 576 -13.45 -4.18 -28.35
C ILE A 576 -14.41 -4.74 -29.39
N GLU A 577 -13.88 -5.52 -30.35
CA GLU A 577 -14.72 -6.20 -31.32
C GLU A 577 -15.73 -7.11 -30.63
N GLU A 578 -15.24 -8.09 -29.87
CA GLU A 578 -16.12 -9.01 -29.15
C GLU A 578 -17.09 -8.29 -28.22
N TYR A 579 -16.81 -7.04 -27.84
CA TYR A 579 -17.65 -6.33 -26.89
C TYR A 579 -18.88 -5.74 -27.57
N LYS A 580 -18.69 -5.09 -28.72
CA LYS A 580 -19.77 -4.27 -29.28
C LYS A 580 -20.80 -5.06 -30.05
N VAL A 581 -20.74 -6.39 -29.98
CA VAL A 581 -21.90 -7.22 -30.25
C VAL A 581 -22.80 -7.31 -29.02
N ASN A 582 -22.21 -7.67 -27.88
CA ASN A 582 -22.92 -7.75 -26.62
C ASN A 582 -23.18 -6.40 -26.01
N LYS A 583 -22.88 -5.33 -26.74
CA LYS A 583 -22.87 -4.01 -26.13
C LYS A 583 -24.22 -3.60 -25.57
N ASP A 584 -25.30 -4.26 -25.98
CA ASP A 584 -26.59 -3.97 -25.38
C ASP A 584 -26.88 -4.85 -24.17
N LYS A 585 -26.29 -6.05 -24.11
CA LYS A 585 -26.26 -6.80 -22.85
C LYS A 585 -25.47 -6.04 -21.79
N VAL A 586 -24.29 -5.51 -22.17
CA VAL A 586 -23.49 -4.72 -21.23
C VAL A 586 -24.31 -3.56 -20.70
N GLY A 587 -24.92 -2.79 -21.61
CA GLY A 587 -25.81 -1.71 -21.17
C GLY A 587 -26.96 -2.24 -20.36
N GLU A 588 -27.44 -3.44 -20.70
CA GLU A 588 -28.51 -4.09 -19.94
C GLU A 588 -28.06 -4.41 -18.52
N SER A 589 -26.96 -5.18 -18.38
CA SER A 589 -26.36 -5.45 -17.06
C SER A 589 -26.13 -4.15 -16.31
N LEU A 590 -25.60 -3.15 -17.01
CA LEU A 590 -25.36 -1.84 -16.41
C LEU A 590 -26.66 -1.15 -16.02
N ALA A 591 -27.71 -1.34 -16.83
CA ALA A 591 -29.01 -0.74 -16.51
C ALA A 591 -29.56 -1.34 -15.21
N LYS A 592 -29.46 -2.67 -15.08
CA LYS A 592 -29.80 -3.32 -13.81
C LYS A 592 -28.91 -2.82 -12.68
N ALA A 593 -27.61 -2.69 -12.96
CA ALA A 593 -26.63 -2.26 -11.97
C ALA A 593 -27.03 -0.96 -11.28
N LEU A 594 -27.42 0.04 -12.07
CA LEU A 594 -27.82 1.33 -11.52
C LEU A 594 -29.26 1.35 -11.00
N GLY A 595 -29.96 0.22 -11.01
CA GLY A 595 -31.36 0.23 -10.65
C GLY A 595 -32.26 0.90 -11.66
N LEU A 596 -31.86 0.93 -12.93
CA LEU A 596 -32.75 1.42 -13.98
C LEU A 596 -33.72 0.33 -14.47
N ILE A 597 -33.18 -0.86 -14.76
CA ILE A 597 -34.00 -2.04 -14.90
C ILE A 597 -34.21 -2.47 -13.43
N LYS A 598 -35.30 -2.01 -12.84
CA LYS A 598 -35.78 -2.52 -11.55
C LYS A 598 -36.18 -3.99 -11.72
N ILE A 599 -36.12 -4.76 -10.64
CA ILE A 599 -36.35 -6.20 -10.75
C ILE A 599 -37.08 -6.73 -9.52
N VAL A 600 -37.53 -7.99 -9.63
CA VAL A 600 -38.08 -8.71 -8.49
C VAL A 600 -36.95 -9.05 -7.53
N LYS A 601 -37.06 -8.61 -6.29
CA LYS A 601 -35.96 -8.70 -5.35
C LYS A 601 -35.94 -10.07 -4.66
N CYS A 602 -34.77 -10.40 -4.13
CA CYS A 602 -34.63 -11.62 -3.35
C CYS A 602 -35.55 -11.58 -2.14
N LYS A 603 -35.89 -12.77 -1.64
CA LYS A 603 -36.65 -12.86 -0.40
C LYS A 603 -35.95 -12.12 0.75
N TYR A 604 -34.60 -12.04 0.70
CA TYR A 604 -33.82 -11.53 1.82
C TYR A 604 -33.01 -10.27 1.56
N CYS A 605 -32.85 -9.83 0.31
CA CYS A 605 -32.04 -8.65 0.06
C CYS A 605 -32.62 -7.89 -1.13
N ASP A 606 -31.79 -7.05 -1.76
CA ASP A 606 -32.16 -6.22 -2.90
C ASP A 606 -31.73 -6.80 -4.23
N LEU A 607 -31.00 -7.91 -4.23
CA LEU A 607 -30.51 -8.48 -5.48
C LEU A 607 -31.64 -9.18 -6.23
N GLU A 608 -31.40 -9.47 -7.49
CA GLU A 608 -32.43 -10.07 -8.34
C GLU A 608 -32.60 -11.54 -8.01
N GLN A 609 -33.85 -11.96 -7.82
CA GLN A 609 -34.08 -13.35 -7.48
C GLN A 609 -33.72 -14.27 -8.65
N TYR A 610 -33.22 -15.44 -8.30
CA TYR A 610 -32.57 -16.35 -9.22
C TYR A 610 -33.18 -17.74 -9.19
N LYS A 611 -33.59 -18.22 -8.02
CA LYS A 611 -34.16 -19.55 -7.90
C LYS A 611 -34.85 -19.66 -6.55
N ASP A 612 -36.00 -20.34 -6.53
CA ASP A 612 -36.77 -20.58 -5.30
C ASP A 612 -37.04 -19.31 -4.52
N GLY A 613 -37.14 -18.18 -5.23
CA GLY A 613 -37.37 -16.90 -4.59
C GLY A 613 -36.14 -16.22 -4.00
N LEU A 614 -34.95 -16.76 -4.24
CA LEU A 614 -33.72 -16.25 -3.67
C LEU A 614 -32.81 -15.68 -4.75
N CYS A 615 -32.12 -14.58 -4.43
CA CYS A 615 -30.99 -14.15 -5.26
C CYS A 615 -29.98 -15.27 -5.39
N LYS A 616 -29.06 -15.13 -6.36
CA LYS A 616 -28.13 -16.22 -6.66
C LYS A 616 -27.20 -16.49 -5.47
N TYR A 617 -26.90 -15.47 -4.67
CA TYR A 617 -25.99 -15.70 -3.55
C TYR A 617 -26.74 -16.27 -2.36
N HIS A 618 -27.92 -15.75 -2.06
CA HIS A 618 -28.72 -16.34 -0.98
C HIS A 618 -29.08 -17.79 -1.31
N TYR A 619 -29.29 -18.09 -2.59
CA TYR A 619 -29.53 -19.48 -2.96
C TYR A 619 -28.30 -20.34 -2.70
N GLU A 620 -27.13 -19.87 -3.15
CA GLU A 620 -25.89 -20.59 -2.91
C GLU A 620 -25.56 -20.66 -1.42
N ALA A 621 -25.98 -19.66 -0.65
CA ALA A 621 -25.76 -19.70 0.80
C ALA A 621 -26.47 -20.88 1.43
N LYS A 622 -27.68 -21.19 0.96
CA LYS A 622 -28.41 -22.33 1.48
C LYS A 622 -27.77 -23.64 1.04
N VAL A 623 -27.38 -23.73 -0.22
CA VAL A 623 -26.68 -24.93 -0.69
C VAL A 623 -25.45 -25.19 0.18
N ARG A 624 -24.67 -24.15 0.44
CA ARG A 624 -23.43 -24.31 1.20
C ARG A 624 -23.71 -24.60 2.66
N LEU A 625 -24.71 -23.93 3.23
CA LEU A 625 -25.11 -24.18 4.61
C LEU A 625 -25.42 -25.65 4.83
N LEU A 626 -26.32 -26.21 4.01
CA LEU A 626 -26.70 -27.60 4.20
C LEU A 626 -25.51 -28.53 4.09
N ASP A 627 -24.57 -28.24 3.17
CA ASP A 627 -23.36 -29.05 3.09
C ASP A 627 -22.55 -28.95 4.39
N ALA A 628 -22.41 -27.73 4.92
CA ALA A 628 -21.66 -27.53 6.15
C ALA A 628 -22.32 -28.21 7.34
N VAL A 629 -23.65 -28.09 7.42
CA VAL A 629 -24.39 -28.62 8.55
C VAL A 629 -24.12 -30.12 8.63
N GLU A 630 -24.01 -30.77 7.48
CA GLU A 630 -23.67 -32.19 7.48
C GLU A 630 -22.28 -32.40 8.09
N ILE A 631 -21.31 -31.57 7.70
CA ILE A 631 -19.94 -31.72 8.21
C ILE A 631 -19.87 -31.52 9.72
N TRP A 632 -20.62 -30.53 10.20
CA TRP A 632 -20.75 -30.31 11.65
C TRP A 632 -21.31 -31.54 12.34
N LYS A 633 -22.26 -32.22 11.71
CA LYS A 633 -22.87 -33.42 12.30
C LYS A 633 -21.83 -34.51 12.47
N GLU A 634 -21.09 -34.81 11.41
CA GLU A 634 -20.09 -35.87 11.46
C GLU A 634 -18.99 -35.57 12.47
N ARG A 635 -18.63 -34.29 12.63
CA ARG A 635 -17.51 -33.92 13.49
C ARG A 635 -17.91 -33.80 14.95
N THR A 636 -18.98 -33.05 15.23
CA THR A 636 -19.33 -32.69 16.59
C THR A 636 -20.33 -33.64 17.26
N LYS A 637 -21.07 -34.44 16.49
CA LYS A 637 -22.14 -35.29 17.03
C LYS A 637 -23.27 -34.48 17.66
N TYR A 638 -23.31 -33.17 17.40
CA TYR A 638 -24.39 -32.34 17.90
C TYR A 638 -25.69 -32.61 17.13
N ASP A 639 -26.81 -32.20 17.73
CA ASP A 639 -28.09 -32.28 17.05
C ASP A 639 -28.33 -31.02 16.21
N HIS A 640 -29.20 -31.17 15.21
CA HIS A 640 -29.36 -30.14 14.18
C HIS A 640 -29.58 -28.75 14.76
N LYS A 641 -30.48 -28.61 15.73
CA LYS A 641 -30.75 -27.28 16.29
C LYS A 641 -29.51 -26.69 16.95
N LYS A 642 -28.72 -27.52 17.62
CA LYS A 642 -27.51 -27.04 18.27
C LYS A 642 -26.51 -26.52 17.25
N ILE A 643 -26.41 -27.20 16.10
CA ILE A 643 -25.49 -26.78 15.04
C ILE A 643 -25.89 -25.42 14.50
N LEU A 644 -27.16 -25.27 14.10
CA LEU A 644 -27.63 -23.98 13.57
C LEU A 644 -27.39 -22.85 14.56
N LYS A 645 -27.73 -23.08 15.82
CA LYS A 645 -27.66 -22.00 16.79
C LYS A 645 -26.23 -21.57 17.06
N ARG A 646 -25.27 -22.49 16.91
CA ARG A 646 -23.86 -22.12 17.06
C ARG A 646 -23.35 -21.41 15.82
N ILE A 647 -23.78 -21.87 14.63
CA ILE A 647 -23.46 -21.15 13.40
C ILE A 647 -24.07 -19.75 13.44
N SER A 648 -25.32 -19.65 13.93
CA SER A 648 -25.94 -18.34 14.11
C SER A 648 -25.23 -17.49 15.16
N SER A 649 -24.41 -18.10 16.02
CA SER A 649 -23.71 -17.34 17.06
C SER A 649 -22.37 -16.81 16.60
N SER A 650 -21.76 -17.42 15.59
CA SER A 650 -20.39 -17.07 15.21
C SER A 650 -20.37 -15.78 14.41
N LYS A 651 -19.49 -14.86 14.81
CA LYS A 651 -19.21 -13.68 13.99
C LYS A 651 -18.55 -14.07 12.66
N SER A 652 -18.05 -15.30 12.54
CA SER A 652 -17.43 -15.72 11.30
C SER A 652 -18.43 -16.04 10.21
N THR A 653 -19.71 -16.20 10.54
CA THR A 653 -20.70 -16.69 9.59
C THR A 653 -21.10 -15.59 8.60
N GLY A 654 -21.02 -15.89 7.31
CA GLY A 654 -21.39 -14.90 6.31
C GLY A 654 -22.81 -14.41 6.51
N LYS A 655 -23.03 -13.12 6.25
CA LYS A 655 -24.33 -12.50 6.41
C LYS A 655 -25.44 -13.25 5.66
N TYR A 656 -25.17 -13.63 4.41
CA TYR A 656 -26.17 -14.33 3.62
C TYR A 656 -26.56 -15.64 4.26
N VAL A 657 -25.59 -16.37 4.81
CA VAL A 657 -25.87 -17.62 5.51
C VAL A 657 -26.69 -17.36 6.76
N LYS A 658 -26.39 -16.30 7.50
CA LYS A 658 -27.11 -16.02 8.74
C LYS A 658 -28.56 -15.65 8.48
N ASP A 659 -28.86 -15.06 7.32
CA ASP A 659 -30.26 -14.82 6.97
C ASP A 659 -31.03 -16.13 6.85
N ILE A 660 -30.39 -17.14 6.26
CA ILE A 660 -31.01 -18.44 6.07
C ILE A 660 -31.11 -19.20 7.38
N VAL A 661 -30.07 -19.12 8.20
CA VAL A 661 -30.09 -19.80 9.49
C VAL A 661 -31.17 -19.20 10.37
N THR A 662 -31.24 -17.89 10.44
CA THR A 662 -32.29 -17.25 11.19
C THR A 662 -33.65 -17.80 10.81
N TYR A 663 -33.88 -17.93 9.52
CA TYR A 663 -35.13 -18.46 9.02
C TYR A 663 -35.35 -19.93 9.28
N MET A 664 -34.29 -20.69 9.28
CA MET A 664 -34.39 -22.10 9.60
C MET A 664 -34.78 -22.28 11.08
N LEU A 665 -34.55 -21.26 11.89
CA LEU A 665 -34.91 -21.26 13.31
C LEU A 665 -36.24 -20.59 13.57
N SER A 666 -37.32 -21.18 13.08
CA SER A 666 -38.66 -20.75 13.44
C SER A 666 -39.65 -21.83 13.09
ZN ZN C . -30.58 -12.33 -1.74
#